data_9IZM
#
_entry.id   9IZM
#
_cell.length_a   1.00
_cell.length_b   1.00
_cell.length_c   1.00
_cell.angle_alpha   90.00
_cell.angle_beta   90.00
_cell.angle_gamma   90.00
#
_symmetry.space_group_name_H-M   'P 1'
#
loop_
_entity.id
_entity.type
_entity.pdbx_description
1 polymer 'Cas Lambda2'
2 polymer 'RNA (58-MER)'
3 non-polymer 'MAGNESIUM ION'
#
loop_
_entity_poly.entity_id
_entity_poly.type
_entity_poly.pdbx_seq_one_letter_code
_entity_poly.pdbx_strand_id
1 'polypeptide(L)'
;MGHHHHHHGGMKKSIKFKVKGNCPITKDVINEYKEYYNKCSDWIKNNLTSITIGEMAKFLQETLGKDVAYISMGLSDEWK
DKPLYHLFTKKYHTNNADNLLYYYIKEKNLDGYKGNTLNIGNTFFRQFGYFKLVVSNYRTKIRTLNCEIKRKKIDADSTS
EDIEMQTMYEIIKHNLNKKTDWDEFISYIENVENPNIDNINRYKLLRKCFCENENMIKNKLELLSIEQLKNFGGCIMKQH
INSMTLIIQHFKIEEKENSLGFILNLPLNKKQYQIELWGNRQVNKGTKERDAFLNTYGENIVFIINNDELYVVFSYEYEL
EKEEANFVKTVGLAVNFKHAFFVTSEKDNCHLDGYINLYKYLLEHDEFTNLLTNDEKKDYEELSKVVTFCPFENQLLFAR
YNKMSKFCKKEQVLSKLLYALQKQLKDENRTKEYIYVSCVNKLRAKYVSYFILKEKYYEKQKEYDIEMGFVDDSTESKES
MDKRRTEFPFRNTPVANELLSKLNNVQQDINGCLKNIINYIYKIFEQNGYKIVALENLENSNFEKKQVLPTIKSLLKYHK
LENQNVNDIKASDKVKEYIENGYYELITNENNEIVDAKYTEKGAMKVKNANFFNLMMKSLHFASVKDEFVLLSNNGKTQI
ALVPSEFTSQMDSTDHCLYMKKNDKGKLVKADKKEVRTKQEKHINGLNADFNAANNIKYIVENEVWREIFCTRPKKAEYN
VPSLDTTKKGPSAILHMLKKIEAIKILETEK
;
A
2 'polyribonucleotide' GGCUUGUUGUAUAUAUUCUUUUAUAGGUAUUAAACAACGGAGAUGAGGUGCGCGUGGC B
#
loop_
_chem_comp.id
_chem_comp.type
_chem_comp.name
_chem_comp.formula
A RNA linking ADENOSINE-5'-MONOPHOSPHATE 'C10 H14 N5 O7 P'
C RNA linking CYTIDINE-5'-MONOPHOSPHATE 'C9 H14 N3 O8 P'
G RNA linking GUANOSINE-5'-MONOPHOSPHATE 'C10 H14 N5 O8 P'
MG non-polymer 'MAGNESIUM ION' 'Mg 2'
U RNA linking URIDINE-5'-MONOPHOSPHATE 'C9 H13 N2 O9 P'
#
# COMPACT_ATOMS: atom_id res chain seq x y z
N MET A 11 -1.19 24.38 -4.47
CA MET A 11 -0.75 25.08 -3.27
C MET A 11 0.72 24.78 -2.94
N LYS A 12 0.96 24.08 -1.84
CA LYS A 12 2.32 23.78 -1.42
C LYS A 12 2.98 22.78 -2.34
N LYS A 13 4.32 22.79 -2.36
CA LYS A 13 5.13 21.94 -3.23
C LYS A 13 6.57 21.99 -2.78
N SER A 14 7.32 20.91 -3.01
CA SER A 14 8.71 20.88 -2.60
C SER A 14 9.65 20.82 -3.80
N ILE A 15 10.87 21.30 -3.58
CA ILE A 15 12.01 21.06 -4.46
C ILE A 15 13.15 20.60 -3.57
N LYS A 16 14.05 19.80 -4.11
CA LYS A 16 15.29 19.45 -3.43
C LYS A 16 16.46 19.90 -4.28
N PHE A 17 17.51 20.35 -3.62
CA PHE A 17 18.77 20.78 -4.23
C PHE A 17 19.92 20.02 -3.56
N LYS A 18 21.06 20.01 -4.24
CA LYS A 18 22.30 19.48 -3.69
C LYS A 18 23.26 20.63 -3.44
N VAL A 19 24.07 20.50 -2.40
CA VAL A 19 25.06 21.52 -2.07
C VAL A 19 26.32 21.27 -2.90
N LYS A 20 27.02 22.34 -3.25
CA LYS A 20 28.24 22.26 -4.03
C LYS A 20 29.38 22.81 -3.18
N GLY A 21 30.31 21.94 -2.79
CA GLY A 21 31.47 22.36 -2.05
C GLY A 21 31.17 22.87 -0.66
N ASN A 22 31.60 24.11 -0.38
CA ASN A 22 31.52 24.66 0.96
C ASN A 22 30.10 24.69 1.49
N CYS A 23 29.93 24.20 2.72
CA CYS A 23 28.67 24.26 3.45
C CYS A 23 28.91 23.92 4.91
N PRO A 24 28.39 24.70 5.85
CA PRO A 24 28.62 24.41 7.28
C PRO A 24 27.82 23.23 7.81
N ILE A 25 26.90 22.68 7.03
CA ILE A 25 26.06 21.59 7.50
C ILE A 25 26.78 20.26 7.23
N THR A 26 27.64 19.85 8.14
CA THR A 26 28.33 18.59 7.99
C THR A 26 27.43 17.45 8.45
N LYS A 27 27.98 16.23 8.44
CA LYS A 27 27.22 15.09 8.92
C LYS A 27 27.10 15.09 10.44
N ASP A 28 28.07 15.70 11.13
CA ASP A 28 28.02 15.74 12.59
C ASP A 28 26.87 16.60 13.09
N VAL A 29 26.58 17.70 12.39
CA VAL A 29 25.46 18.56 12.78
C VAL A 29 24.15 17.80 12.70
N ILE A 30 23.94 17.10 11.58
CA ILE A 30 22.73 16.32 11.41
C ILE A 30 22.70 15.17 12.40
N ASN A 31 23.85 14.61 12.75
CA ASN A 31 23.89 13.54 13.74
C ASN A 31 23.47 14.04 15.12
N GLU A 32 23.91 15.23 15.51
CA GLU A 32 23.48 15.82 16.78
C GLU A 32 21.98 16.09 16.78
N TYR A 33 21.47 16.67 15.69
CA TYR A 33 20.05 16.93 15.59
C TYR A 33 19.26 15.64 15.66
N LYS A 34 19.75 14.59 15.00
CA LYS A 34 19.09 13.30 15.02
C LYS A 34 19.09 12.68 16.41
N GLU A 35 20.20 12.82 17.15
CA GLU A 35 20.23 12.30 18.51
C GLU A 35 19.20 13.01 19.41
N TYR A 36 19.12 14.34 19.28
CA TYR A 36 18.11 15.06 20.06
C TYR A 36 16.70 14.60 19.68
N TYR A 37 16.42 14.53 18.38
CA TYR A 37 15.13 14.06 17.91
C TYR A 37 14.81 12.71 18.50
N ASN A 38 15.77 11.79 18.44
CA ASN A 38 15.53 10.42 18.85
C ASN A 38 15.27 10.33 20.34
N LYS A 39 16.01 11.09 21.15
CA LYS A 39 15.76 11.05 22.59
C LYS A 39 14.38 11.61 22.92
N CYS A 40 14.01 12.73 22.31
CA CYS A 40 12.70 13.32 22.59
C CYS A 40 11.57 12.38 22.17
N SER A 41 11.67 11.83 20.96
CA SER A 41 10.60 10.97 20.48
C SER A 41 10.60 9.62 21.19
N ASP A 42 11.76 9.19 21.72
CA ASP A 42 11.80 8.00 22.54
C ASP A 42 11.07 8.22 23.86
N TRP A 43 11.25 9.38 24.49
CA TRP A 43 10.48 9.69 25.69
C TRP A 43 8.99 9.71 25.39
N ILE A 44 8.61 10.37 24.30
CA ILE A 44 7.19 10.46 23.98
C ILE A 44 6.61 9.08 23.70
N LYS A 45 7.38 8.22 23.02
CA LYS A 45 6.93 6.85 22.80
C LYS A 45 6.73 6.11 24.12
N ASN A 46 7.70 6.19 25.03
CA ASN A 46 7.58 5.46 26.27
C ASN A 46 6.51 6.00 27.20
N ASN A 47 6.02 7.22 26.98
CA ASN A 47 4.97 7.77 27.83
C ASN A 47 3.71 8.14 27.06
N LEU A 48 3.41 7.46 25.95
CA LEU A 48 2.29 7.87 25.11
C LEU A 48 0.96 7.76 25.85
N THR A 49 0.84 6.81 26.76
CA THR A 49 -0.42 6.58 27.47
C THR A 49 -0.30 6.63 28.98
N SER A 50 0.85 6.25 29.53
CA SER A 50 1.01 6.18 30.99
C SER A 50 0.85 7.56 31.64
N ILE A 51 1.44 8.60 31.04
CA ILE A 51 1.39 9.92 31.63
C ILE A 51 0.06 10.60 31.31
N THR A 52 -0.47 11.32 32.30
CA THR A 52 -1.72 12.04 32.14
C THR A 52 -1.42 13.53 31.93
N ILE A 53 -2.28 14.18 31.14
CA ILE A 53 -2.12 15.60 30.87
C ILE A 53 -2.26 16.41 32.15
N GLY A 54 -3.14 15.96 33.05
CA GLY A 54 -3.39 16.71 34.28
C GLY A 54 -2.14 16.88 35.13
N GLU A 55 -1.36 15.81 35.26
CA GLU A 55 -0.13 15.90 36.04
C GLU A 55 0.85 16.88 35.40
N MET A 56 0.96 16.84 34.07
CA MET A 56 1.82 17.79 33.37
C MET A 56 1.41 19.22 33.68
N ALA A 57 0.12 19.52 33.55
CA ALA A 57 -0.34 20.88 33.78
C ALA A 57 -0.15 21.29 35.23
N LYS A 58 -0.37 20.36 36.16
CA LYS A 58 -0.16 20.67 37.57
C LYS A 58 1.31 20.96 37.87
N PHE A 59 2.21 20.20 37.25
CA PHE A 59 3.63 20.49 37.44
C PHE A 59 4.01 21.85 36.87
N LEU A 60 3.45 22.20 35.71
CA LEU A 60 3.68 23.55 35.19
C LEU A 60 3.14 24.62 36.14
N GLN A 61 1.98 24.36 36.75
CA GLN A 61 1.46 25.27 37.76
C GLN A 61 2.43 25.42 38.91
N GLU A 62 3.03 24.32 39.34
CA GLU A 62 4.03 24.38 40.40
C GLU A 62 5.24 25.20 39.98
N THR A 63 5.70 25.03 38.74
CA THR A 63 6.95 25.64 38.31
C THR A 63 6.76 27.08 37.85
N LEU A 64 5.92 27.30 36.84
CA LEU A 64 5.71 28.65 36.33
C LEU A 64 4.63 29.38 37.13
N GLY A 65 3.48 28.75 37.31
CA GLY A 65 2.36 29.39 37.97
C GLY A 65 1.50 30.26 37.10
N LYS A 66 1.83 30.42 35.82
CA LYS A 66 1.00 31.22 34.94
C LYS A 66 -0.34 30.52 34.67
N ASP A 67 -1.32 31.30 34.26
CA ASP A 67 -2.65 30.79 33.93
C ASP A 67 -2.96 31.00 32.45
N VAL A 68 -1.98 30.74 31.59
CA VAL A 68 -2.18 30.92 30.15
C VAL A 68 -3.16 29.86 29.64
N ALA A 69 -3.61 30.07 28.40
CA ALA A 69 -4.65 29.23 27.83
C ALA A 69 -4.23 27.77 27.77
N TYR A 70 -3.00 27.49 27.35
CA TYR A 70 -2.55 26.10 27.24
C TYR A 70 -2.46 25.44 28.61
N ILE A 71 -2.03 26.19 29.62
CA ILE A 71 -1.94 25.62 30.97
C ILE A 71 -3.32 25.37 31.55
N SER A 72 -4.26 26.29 31.30
CA SER A 72 -5.62 26.10 31.77
C SER A 72 -6.27 24.91 31.09
N MET A 73 -6.01 24.74 29.80
CA MET A 73 -6.58 23.62 29.06
C MET A 73 -6.04 22.29 29.54
N GLY A 74 -4.86 22.27 30.17
CA GLY A 74 -4.33 21.04 30.71
C GLY A 74 -5.14 20.52 31.89
N LEU A 75 -5.68 21.43 32.70
CA LEU A 75 -6.46 21.06 33.87
C LEU A 75 -7.96 21.07 33.62
N SER A 76 -8.40 21.33 32.39
CA SER A 76 -9.82 21.33 32.09
C SER A 76 -10.40 19.93 32.25
N ASP A 77 -11.70 19.88 32.57
CA ASP A 77 -12.33 18.59 32.86
C ASP A 77 -12.31 17.66 31.65
N GLU A 78 -12.23 18.23 30.45
CA GLU A 78 -12.23 17.41 29.24
C GLU A 78 -10.96 16.57 29.12
N TRP A 79 -9.81 17.15 29.48
CA TRP A 79 -8.52 16.47 29.32
C TRP A 79 -7.78 16.28 30.63
N LYS A 80 -8.47 16.36 31.77
CA LYS A 80 -7.76 16.29 33.05
C LYS A 80 -7.07 14.94 33.24
N ASP A 81 -7.76 13.84 32.94
CA ASP A 81 -7.19 12.51 33.12
C ASP A 81 -7.12 11.69 31.84
N LYS A 82 -7.34 12.30 30.68
CA LYS A 82 -7.17 11.56 29.44
C LYS A 82 -5.70 11.22 29.25
N PRO A 83 -5.40 10.18 28.47
CA PRO A 83 -3.99 9.86 28.19
C PRO A 83 -3.31 10.94 27.36
N LEU A 84 -1.98 11.00 27.48
CA LEU A 84 -1.19 12.00 26.79
C LEU A 84 -1.40 11.96 25.29
N TYR A 85 -1.71 10.79 24.74
CA TYR A 85 -1.84 10.67 23.29
C TYR A 85 -3.00 11.50 22.77
N HIS A 86 -3.93 11.92 23.64
CA HIS A 86 -5.03 12.76 23.18
C HIS A 86 -4.54 14.15 22.80
N LEU A 87 -3.37 14.55 23.30
CA LEU A 87 -2.75 15.77 22.81
C LEU A 87 -2.41 15.67 21.33
N PHE A 88 -2.36 14.46 20.79
CA PHE A 88 -2.03 14.24 19.39
C PHE A 88 -3.25 13.93 18.54
N THR A 89 -4.46 13.95 19.10
CA THR A 89 -5.65 13.62 18.35
C THR A 89 -6.20 14.84 17.61
N LYS A 90 -7.36 14.65 16.96
CA LYS A 90 -7.97 15.73 16.21
C LYS A 90 -8.72 16.70 17.12
N LYS A 91 -9.40 16.19 18.14
CA LYS A 91 -10.25 17.02 18.97
C LYS A 91 -9.46 18.07 19.73
N TYR A 92 -8.32 17.67 20.30
CA TYR A 92 -7.53 18.58 21.12
C TYR A 92 -7.00 19.74 20.30
N HIS A 93 -7.03 20.93 20.89
CA HIS A 93 -6.49 22.12 20.24
C HIS A 93 -4.99 21.96 19.99
N THR A 94 -4.57 22.27 18.76
CA THR A 94 -3.22 21.92 18.33
C THR A 94 -2.16 22.67 19.13
N ASN A 95 -2.20 24.01 19.08
CA ASN A 95 -1.11 24.80 19.65
C ASN A 95 -1.06 24.67 21.17
N ASN A 96 -2.21 24.47 21.81
CA ASN A 96 -2.21 24.26 23.25
C ASN A 96 -1.41 23.01 23.61
N ALA A 97 -1.65 21.92 22.87
CA ALA A 97 -0.87 20.70 23.08
C ALA A 97 0.61 20.94 22.80
N ASP A 98 0.90 21.65 21.71
CA ASP A 98 2.29 21.94 21.37
C ASP A 98 3.00 22.61 22.54
N ASN A 99 2.42 23.71 23.04
CA ASN A 99 3.06 24.48 24.10
C ASN A 99 3.17 23.65 25.38
N LEU A 100 2.11 22.93 25.73
CA LEU A 100 2.11 22.16 26.97
C LEU A 100 3.20 21.10 26.95
N LEU A 101 3.22 20.28 25.90
CA LEU A 101 4.23 19.23 25.78
C LEU A 101 5.63 19.82 25.70
N TYR A 102 5.79 20.91 24.94
CA TYR A 102 7.09 21.53 24.78
C TYR A 102 7.67 21.97 26.11
N TYR A 103 6.89 22.73 26.87
CA TYR A 103 7.43 23.28 28.11
C TYR A 103 7.60 22.19 29.15
N TYR A 104 6.78 21.14 29.11
CA TYR A 104 7.03 20.00 29.97
C TYR A 104 8.41 19.40 29.69
N ILE A 105 8.70 19.12 28.41
CA ILE A 105 9.98 18.49 28.06
C ILE A 105 11.13 19.45 28.37
N LYS A 106 10.94 20.73 28.07
CA LYS A 106 12.00 21.72 28.23
C LYS A 106 12.38 21.89 29.70
N GLU A 107 11.39 22.15 30.56
CA GLU A 107 11.69 22.49 31.93
C GLU A 107 12.18 21.28 32.72
N LYS A 108 12.07 20.08 32.15
CA LYS A 108 12.63 18.88 32.76
C LYS A 108 13.90 18.39 32.07
N ASN A 109 14.28 19.02 30.95
CA ASN A 109 15.47 18.63 30.20
C ASN A 109 15.42 17.16 29.81
N LEU A 110 14.24 16.68 29.43
CA LEU A 110 14.10 15.28 29.04
C LEU A 110 14.73 15.01 27.68
N ASP A 111 14.82 16.03 26.83
CA ASP A 111 15.55 15.88 25.57
C ASP A 111 17.05 15.90 25.76
N GLY A 112 17.54 16.38 26.90
CA GLY A 112 18.96 16.47 27.14
C GLY A 112 19.68 17.54 26.35
N TYR A 113 18.97 18.62 26.00
CA TYR A 113 19.54 19.66 25.16
C TYR A 113 20.75 20.31 25.81
N LYS A 114 21.86 20.36 25.07
CA LYS A 114 23.08 21.02 25.52
C LYS A 114 23.68 21.86 24.40
N GLY A 115 22.85 22.64 23.72
CA GLY A 115 23.33 23.42 22.59
C GLY A 115 23.57 22.54 21.38
N ASN A 116 24.16 23.15 20.36
CA ASN A 116 24.42 22.47 19.10
C ASN A 116 25.82 22.84 18.59
N THR A 117 26.16 22.27 17.44
CA THR A 117 27.48 22.50 16.86
C THR A 117 27.62 23.91 16.31
N LEU A 118 26.62 24.38 15.56
CA LEU A 118 26.71 25.67 14.89
C LEU A 118 26.01 26.77 15.65
N ASN A 119 25.54 26.50 16.88
CA ASN A 119 24.94 27.50 17.74
C ASN A 119 23.80 28.24 17.04
N ILE A 120 22.97 27.47 16.34
CA ILE A 120 21.76 28.03 15.74
C ILE A 120 20.80 28.46 16.84
N GLY A 121 19.92 29.42 16.50
CA GLY A 121 18.97 29.95 17.46
C GLY A 121 18.18 28.86 18.16
N ASN A 122 18.02 29.00 19.49
CA ASN A 122 17.41 27.93 20.27
C ASN A 122 15.98 27.65 19.85
N THR A 123 15.21 28.71 19.55
CA THR A 123 13.84 28.48 19.08
C THR A 123 13.84 27.85 17.69
N PHE A 124 14.81 28.20 16.85
CA PHE A 124 14.87 27.65 15.50
C PHE A 124 15.47 26.25 15.46
N PHE A 125 16.10 25.78 16.53
CA PHE A 125 16.71 24.47 16.55
C PHE A 125 16.01 23.47 17.47
N ARG A 126 15.34 23.94 18.52
CA ARG A 126 14.74 23.05 19.50
C ARG A 126 13.22 23.19 19.55
N GLN A 127 12.69 24.39 19.77
CA GLN A 127 11.23 24.54 19.87
C GLN A 127 10.56 24.39 18.51
N PHE A 128 11.12 25.03 17.48
CA PHE A 128 10.59 24.94 16.13
C PHE A 128 11.37 23.97 15.26
N GLY A 129 12.22 23.14 15.86
CA GLY A 129 13.00 22.20 15.08
C GLY A 129 12.61 20.76 15.29
N TYR A 130 13.47 20.02 16.00
CA TYR A 130 13.25 18.59 16.14
C TYR A 130 12.02 18.30 16.98
N PHE A 131 11.73 19.17 17.96
CA PHE A 131 10.52 18.96 18.75
C PHE A 131 9.28 19.20 17.90
N LYS A 132 9.33 20.20 17.02
CA LYS A 132 8.22 20.40 16.09
C LYS A 132 8.01 19.18 15.23
N LEU A 133 9.10 18.59 14.71
CA LEU A 133 8.97 17.39 13.90
C LEU A 133 8.42 16.22 14.71
N VAL A 134 8.89 16.06 15.95
CA VAL A 134 8.42 14.94 16.76
C VAL A 134 6.93 15.05 17.02
N VAL A 135 6.47 16.25 17.39
CA VAL A 135 5.05 16.47 17.62
C VAL A 135 4.25 16.25 16.34
N SER A 136 4.76 16.76 15.21
CA SER A 136 4.05 16.60 13.95
C SER A 136 3.93 15.14 13.56
N ASN A 137 4.99 14.36 13.78
CA ASN A 137 5.00 12.96 13.35
C ASN A 137 4.12 12.11 14.25
N TYR A 138 4.20 12.31 15.57
CA TYR A 138 3.33 11.58 16.47
C TYR A 138 1.87 11.94 16.23
N ARG A 139 1.59 13.21 16.00
CA ARG A 139 0.24 13.65 15.70
C ARG A 139 -0.29 12.99 14.43
N THR A 140 0.56 12.93 13.39
CA THR A 140 0.14 12.34 12.12
C THR A 140 -0.23 10.86 12.29
N LYS A 141 0.57 10.12 13.05
CA LYS A 141 0.32 8.69 13.21
C LYS A 141 -0.92 8.44 14.05
N ILE A 142 -1.04 9.11 15.20
CA ILE A 142 -2.13 8.82 16.13
C ILE A 142 -3.48 9.23 15.56
N ARG A 143 -3.50 10.16 14.61
CA ARG A 143 -4.75 10.56 13.99
C ARG A 143 -5.20 9.61 12.88
N THR A 144 -4.32 8.70 12.45
CA THR A 144 -4.65 7.67 11.47
C THR A 144 -4.23 6.29 11.99
N LEU A 145 -4.56 6.01 13.26
CA LEU A 145 -4.13 4.78 13.91
C LEU A 145 -4.66 3.57 13.16
N ASN A 146 -3.75 2.64 12.86
CA ASN A 146 -4.05 1.46 12.05
C ASN A 146 -3.54 0.22 12.80
N CYS A 147 -4.39 -0.33 13.66
CA CYS A 147 -4.03 -1.55 14.37
C CYS A 147 -4.14 -2.75 13.42
N GLU A 148 -3.57 -3.87 13.86
CA GLU A 148 -3.61 -5.10 13.09
C GLU A 148 -3.82 -6.28 14.04
N ILE A 149 -4.89 -7.03 13.82
CA ILE A 149 -5.22 -8.21 14.62
C ILE A 149 -5.45 -9.38 13.67
N LYS A 150 -5.31 -10.59 14.20
CA LYS A 150 -5.50 -11.82 13.46
C LYS A 150 -6.94 -12.32 13.59
N ARG A 151 -7.28 -13.31 12.78
CA ARG A 151 -8.61 -13.91 12.80
C ARG A 151 -8.58 -15.19 13.62
N LYS A 152 -8.87 -15.06 14.91
CA LYS A 152 -9.06 -16.21 15.77
C LYS A 152 -10.46 -16.76 15.60
N LYS A 153 -10.58 -18.09 15.57
CA LYS A 153 -11.86 -18.72 15.30
C LYS A 153 -12.86 -18.43 16.41
N ILE A 154 -14.05 -17.97 16.03
CA ILE A 154 -15.07 -17.51 16.96
C ILE A 154 -16.12 -18.59 17.13
N ASP A 155 -16.47 -18.88 18.38
CA ASP A 155 -17.44 -19.91 18.71
C ASP A 155 -18.35 -19.40 19.81
N ALA A 156 -19.37 -20.18 20.13
CA ALA A 156 -20.24 -19.85 21.25
C ALA A 156 -19.48 -19.87 22.56
N ASP A 157 -18.59 -20.84 22.73
CA ASP A 157 -17.75 -20.95 23.93
C ASP A 157 -16.51 -20.09 23.73
N SER A 158 -16.57 -18.86 24.21
CA SER A 158 -15.43 -17.94 24.14
C SER A 158 -15.63 -16.85 25.19
N THR A 159 -14.51 -16.32 25.68
CA THR A 159 -14.58 -15.22 26.64
C THR A 159 -14.96 -13.92 25.93
N SER A 160 -15.34 -12.93 26.71
CA SER A 160 -15.75 -11.64 26.17
C SER A 160 -14.62 -11.01 25.37
N GLU A 161 -13.40 -11.04 25.91
CA GLU A 161 -12.25 -10.47 25.19
C GLU A 161 -12.00 -11.21 23.89
N ASP A 162 -12.07 -12.55 23.91
CA ASP A 162 -11.88 -13.32 22.69
C ASP A 162 -12.95 -12.98 21.67
N ILE A 163 -14.19 -12.83 22.12
CA ILE A 163 -15.25 -12.33 21.24
C ILE A 163 -14.95 -10.89 20.82
N GLU A 164 -14.49 -10.07 21.76
CA GLU A 164 -14.28 -8.65 21.47
C GLU A 164 -13.09 -8.45 20.54
N MET A 165 -12.02 -9.21 20.73
CA MET A 165 -10.85 -9.07 19.88
C MET A 165 -11.22 -9.26 18.41
N GLN A 166 -12.02 -10.28 18.12
CA GLN A 166 -12.50 -10.47 16.76
C GLN A 166 -13.58 -9.47 16.41
N THR A 167 -14.33 -8.98 17.40
CA THR A 167 -15.29 -7.92 17.14
C THR A 167 -14.56 -6.66 16.67
N MET A 168 -13.43 -6.33 17.32
CA MET A 168 -12.62 -5.20 16.88
C MET A 168 -11.91 -5.52 15.57
N TYR A 169 -11.58 -6.79 15.34
CA TYR A 169 -10.94 -7.19 14.09
C TYR A 169 -11.80 -6.86 12.88
N GLU A 170 -13.09 -7.16 12.95
CA GLU A 170 -13.96 -6.94 11.80
C GLU A 170 -14.11 -5.46 11.50
N ILE A 171 -14.09 -4.62 12.54
CA ILE A 171 -14.13 -3.18 12.33
C ILE A 171 -12.89 -2.72 11.59
N ILE A 172 -11.73 -3.28 11.95
CA ILE A 172 -10.48 -2.92 11.29
C ILE A 172 -10.54 -3.24 9.80
N LYS A 173 -11.01 -4.45 9.48
CA LYS A 173 -10.90 -4.92 8.10
C LYS A 173 -12.01 -4.38 7.21
N HIS A 174 -13.15 -3.99 7.80
CA HIS A 174 -14.31 -3.63 6.99
C HIS A 174 -15.00 -2.33 7.39
N ASN A 175 -14.50 -1.59 8.40
CA ASN A 175 -15.02 -0.27 8.75
C ASN A 175 -16.50 -0.33 9.13
N LEU A 176 -16.75 -0.96 10.28
CA LEU A 176 -18.11 -1.17 10.75
C LEU A 176 -18.41 -0.37 12.01
N ASN A 177 -17.98 0.89 12.05
CA ASN A 177 -18.07 1.69 13.27
C ASN A 177 -19.51 1.90 13.71
N LYS A 178 -20.45 1.91 12.77
CA LYS A 178 -21.83 2.30 13.05
C LYS A 178 -22.77 1.11 12.93
N LYS A 179 -23.92 1.20 13.60
CA LYS A 179 -24.95 0.19 13.51
C LYS A 179 -25.41 0.03 12.06
N THR A 180 -25.44 1.13 11.33
CA THR A 180 -25.79 1.08 9.91
C THR A 180 -24.78 0.26 9.13
N ASP A 181 -23.50 0.38 9.49
CA ASP A 181 -22.44 -0.30 8.74
C ASP A 181 -22.55 -1.82 8.89
N TRP A 182 -23.00 -2.30 10.05
CA TRP A 182 -23.17 -3.74 10.25
C TRP A 182 -24.39 -4.25 9.52
N ASP A 183 -25.50 -3.51 9.59
CA ASP A 183 -26.75 -3.98 8.99
C ASP A 183 -26.67 -4.03 7.48
N GLU A 184 -25.99 -3.05 6.88
CA GLU A 184 -25.79 -3.09 5.43
C GLU A 184 -24.83 -4.20 5.03
N PHE A 185 -24.13 -4.78 6.01
CA PHE A 185 -23.15 -5.82 5.69
C PHE A 185 -23.80 -7.21 5.72
N ILE A 186 -24.62 -7.48 6.73
CA ILE A 186 -25.37 -8.74 6.76
C ILE A 186 -26.30 -8.83 5.57
N SER A 187 -26.84 -7.69 5.15
CA SER A 187 -27.73 -7.65 3.99
C SER A 187 -27.02 -8.17 2.73
N TYR A 188 -25.76 -7.75 2.55
CA TYR A 188 -25.05 -8.10 1.32
C TYR A 188 -24.79 -9.59 1.24
N ILE A 189 -24.24 -10.19 2.30
CA ILE A 189 -23.77 -11.56 2.22
C ILE A 189 -24.93 -12.52 2.00
N GLU A 190 -26.05 -12.30 2.70
CA GLU A 190 -27.19 -13.19 2.60
C GLU A 190 -27.89 -13.13 1.25
N ASN A 191 -27.56 -12.16 0.40
CA ASN A 191 -28.28 -11.97 -0.86
C ASN A 191 -27.44 -12.32 -2.08
N VAL A 192 -26.49 -13.25 -1.95
CA VAL A 192 -25.70 -13.74 -3.07
C VAL A 192 -25.41 -15.22 -2.86
N GLU A 193 -26.00 -16.07 -3.71
CA GLU A 193 -25.66 -17.50 -3.77
C GLU A 193 -26.12 -18.26 -2.52
N ASN A 194 -26.66 -17.56 -1.53
CA ASN A 194 -26.96 -18.11 -0.20
C ASN A 194 -25.72 -18.82 0.35
N PRO A 195 -24.67 -18.07 0.71
CA PRO A 195 -23.39 -18.69 1.03
C PRO A 195 -23.41 -19.37 2.40
N ASN A 196 -22.22 -19.81 2.81
CA ASN A 196 -22.04 -20.52 4.07
C ASN A 196 -22.65 -19.74 5.22
N ILE A 197 -23.46 -20.43 6.02
CA ILE A 197 -24.19 -19.77 7.11
C ILE A 197 -23.25 -19.41 8.25
N ASP A 198 -22.12 -20.12 8.36
CA ASP A 198 -21.24 -19.96 9.51
C ASP A 198 -20.68 -18.54 9.60
N ASN A 199 -20.26 -17.97 8.47
CA ASN A 199 -19.70 -16.63 8.50
C ASN A 199 -20.76 -15.60 8.87
N ILE A 200 -21.98 -15.77 8.37
CA ILE A 200 -23.07 -14.87 8.73
C ILE A 200 -23.40 -14.99 10.21
N ASN A 201 -23.35 -16.21 10.74
CA ASN A 201 -23.55 -16.40 12.18
C ASN A 201 -22.52 -15.60 12.97
N ARG A 202 -21.28 -15.54 12.47
CA ARG A 202 -20.25 -14.78 13.16
C ARG A 202 -20.61 -13.30 13.23
N TYR A 203 -21.03 -12.72 12.10
CA TYR A 203 -21.39 -11.30 12.11
C TYR A 203 -22.61 -11.03 12.99
N LYS A 204 -23.58 -11.95 12.99
CA LYS A 204 -24.73 -11.77 13.87
C LYS A 204 -24.32 -11.79 15.33
N LEU A 205 -23.43 -12.72 15.69
CA LEU A 205 -22.93 -12.76 17.07
C LEU A 205 -22.17 -11.48 17.41
N LEU A 206 -21.35 -11.00 16.48
CA LEU A 206 -20.61 -9.76 16.74
C LEU A 206 -21.54 -8.58 16.93
N ARG A 207 -22.61 -8.50 16.12
CA ARG A 207 -23.61 -7.45 16.32
C ARG A 207 -24.26 -7.59 17.69
N LYS A 208 -24.50 -8.83 18.13
CA LYS A 208 -24.97 -9.03 19.49
C LYS A 208 -23.92 -8.61 20.52
N CYS A 209 -22.66 -8.50 20.11
CA CYS A 209 -21.59 -8.08 21.00
C CYS A 209 -20.92 -6.77 20.60
N PHE A 210 -21.31 -6.15 19.48
CA PHE A 210 -20.72 -4.89 19.06
C PHE A 210 -21.47 -3.70 19.63
N CYS A 211 -22.77 -3.60 19.31
CA CYS A 211 -23.59 -2.52 19.83
C CYS A 211 -23.80 -2.63 21.33
N GLU A 212 -23.51 -3.79 21.92
CA GLU A 212 -23.61 -3.94 23.37
C GLU A 212 -22.59 -3.07 24.09
N ASN A 213 -21.38 -2.97 23.54
CA ASN A 213 -20.27 -2.27 24.19
C ASN A 213 -19.56 -1.38 23.17
N GLU A 214 -20.33 -0.58 22.41
CA GLU A 214 -19.76 0.19 21.33
C GLU A 214 -18.66 1.13 21.81
N ASN A 215 -18.93 1.89 22.87
CA ASN A 215 -17.95 2.87 23.35
C ASN A 215 -16.68 2.18 23.84
N MET A 216 -16.83 1.04 24.51
CA MET A 216 -15.66 0.28 24.95
C MET A 216 -14.83 -0.17 23.75
N ILE A 217 -15.50 -0.65 22.70
CA ILE A 217 -14.80 -1.05 21.49
C ILE A 217 -14.14 0.14 20.82
N LYS A 218 -14.79 1.32 20.90
CA LYS A 218 -14.19 2.51 20.30
C LYS A 218 -12.95 2.96 21.06
N ASN A 219 -12.93 2.82 22.39
CA ASN A 219 -11.73 3.12 23.16
C ASN A 219 -10.63 2.12 22.84
N LYS A 220 -11.00 0.85 22.75
CA LYS A 220 -10.11 -0.13 22.14
C LYS A 220 -9.96 0.21 20.67
N LEU A 221 -9.00 -0.42 19.99
CA LEU A 221 -8.61 -0.07 18.63
C LEU A 221 -8.01 1.33 18.55
N GLU A 222 -7.99 2.06 19.68
CA GLU A 222 -7.18 3.25 19.84
C GLU A 222 -6.11 2.92 20.87
N LEU A 223 -6.53 2.38 22.02
CA LEU A 223 -5.55 1.88 22.97
C LEU A 223 -4.65 0.83 22.34
N LEU A 224 -5.24 -0.14 21.65
CA LEU A 224 -4.46 -1.18 21.00
C LEU A 224 -3.62 -0.62 19.87
N SER A 225 -4.15 0.35 19.14
CA SER A 225 -3.42 0.96 18.03
C SER A 225 -2.18 1.67 18.53
N ILE A 226 -2.27 2.34 19.68
CA ILE A 226 -1.10 2.98 20.26
C ILE A 226 -0.13 1.94 20.79
N GLU A 227 -0.65 0.88 21.42
CA GLU A 227 0.24 -0.18 21.89
C GLU A 227 0.99 -0.82 20.74
N GLN A 228 0.41 -0.85 19.55
CA GLN A 228 1.09 -1.31 18.35
C GLN A 228 1.93 -0.22 17.71
N LEU A 229 1.94 0.98 18.28
CA LEU A 229 2.81 2.06 17.85
C LEU A 229 4.05 2.20 18.71
N LYS A 230 3.96 1.90 20.00
CA LYS A 230 5.11 1.93 20.89
C LYS A 230 5.92 0.64 20.84
N ASN A 231 5.48 -0.33 20.05
CA ASN A 231 6.23 -1.57 19.83
C ASN A 231 7.01 -1.56 18.52
N PHE A 232 6.51 -0.92 17.49
CA PHE A 232 7.19 -0.78 16.21
C PHE A 232 8.26 0.31 16.25
N GLY A 233 8.59 0.82 17.43
CA GLY A 233 9.57 1.88 17.59
C GLY A 233 8.98 3.26 17.70
N GLY A 234 7.69 3.43 17.42
CA GLY A 234 7.11 4.75 17.45
C GLY A 234 7.63 5.58 16.30
N CYS A 235 8.27 6.69 16.63
CA CYS A 235 8.95 7.53 15.64
C CYS A 235 10.39 7.71 16.11
N ILE A 236 11.25 6.77 15.76
CA ILE A 236 12.69 6.90 15.99
C ILE A 236 13.36 6.83 14.62
N MET A 237 14.00 7.93 14.22
CA MET A 237 14.49 8.07 12.86
C MET A 237 15.43 6.92 12.51
N LYS A 238 15.13 6.25 11.40
CA LYS A 238 15.87 5.07 11.00
C LYS A 238 17.31 5.44 10.61
N GLN A 239 18.21 4.48 10.82
CA GLN A 239 19.64 4.79 10.76
C GLN A 239 20.09 5.12 9.33
N HIS A 240 19.23 4.91 8.34
CA HIS A 240 19.63 5.17 6.97
C HIS A 240 19.14 6.53 6.48
N ILE A 241 18.40 7.26 7.30
CA ILE A 241 17.71 8.45 6.79
C ILE A 241 18.61 9.69 6.90
N ASN A 242 18.92 10.11 8.13
CA ASN A 242 19.80 11.23 8.41
C ASN A 242 19.31 12.52 7.74
N SER A 243 18.19 13.03 8.24
CA SER A 243 17.66 14.32 7.80
C SER A 243 17.52 15.25 9.00
N MET A 244 17.21 16.51 8.71
CA MET A 244 17.18 17.55 9.73
C MET A 244 16.35 18.73 9.24
N THR A 245 15.26 19.03 9.96
CA THR A 245 14.32 20.07 9.57
C THR A 245 14.40 21.22 10.57
N LEU A 246 14.47 22.45 10.05
CA LEU A 246 14.58 23.65 10.87
C LEU A 246 13.66 24.73 10.31
N ILE A 247 13.29 25.66 11.18
CA ILE A 247 12.53 26.84 10.80
C ILE A 247 13.46 28.04 10.91
N ILE A 248 13.66 28.75 9.81
CA ILE A 248 14.54 29.92 9.79
C ILE A 248 13.75 31.09 9.22
N GLN A 249 14.07 32.29 9.70
CA GLN A 249 13.17 33.43 9.52
C GLN A 249 13.55 34.32 8.34
N HIS A 250 14.81 34.71 8.23
CA HIS A 250 15.21 35.73 7.26
C HIS A 250 16.27 35.24 6.28
N PHE A 251 16.30 33.96 5.96
CA PHE A 251 17.24 33.48 4.95
C PHE A 251 16.74 33.84 3.57
N LYS A 252 17.68 34.14 2.67
CA LYS A 252 17.36 34.49 1.29
C LYS A 252 18.05 33.52 0.33
N ILE A 253 17.48 33.36 -0.85
CA ILE A 253 18.00 32.50 -1.89
C ILE A 253 18.07 33.29 -3.18
N GLU A 254 19.26 33.35 -3.78
CA GLU A 254 19.47 34.11 -5.00
C GLU A 254 20.17 33.27 -6.04
N GLU A 255 19.89 33.58 -7.30
CA GLU A 255 20.46 32.87 -8.43
C GLU A 255 21.96 33.17 -8.52
N LYS A 256 22.76 32.12 -8.71
CA LYS A 256 24.20 32.32 -8.83
C LYS A 256 24.52 33.06 -10.11
N GLU A 257 25.62 33.81 -10.08
CA GLU A 257 25.98 34.66 -11.21
C GLU A 257 26.60 33.84 -12.33
N ASN A 258 26.08 34.02 -13.54
CA ASN A 258 26.59 33.34 -14.74
C ASN A 258 26.63 31.82 -14.52
N SER A 259 25.54 31.27 -14.01
CA SER A 259 25.47 29.85 -13.72
C SER A 259 24.03 29.42 -13.67
N LEU A 260 23.78 28.13 -13.88
CA LEU A 260 22.45 27.55 -13.71
C LEU A 260 22.33 26.97 -12.30
N GLY A 261 22.68 27.79 -11.31
CA GLY A 261 22.68 27.35 -9.93
C GLY A 261 22.00 28.35 -9.04
N PHE A 262 22.07 28.08 -7.74
CA PHE A 262 21.49 28.96 -6.73
C PHE A 262 22.47 29.13 -5.58
N ILE A 263 22.26 30.18 -4.80
CA ILE A 263 23.05 30.45 -3.61
C ILE A 263 22.09 30.61 -2.43
N LEU A 264 22.40 29.95 -1.31
CA LEU A 264 21.60 30.03 -0.10
C LEU A 264 22.32 30.94 0.89
N ASN A 265 21.63 31.98 1.34
CA ASN A 265 22.20 32.95 2.30
C ASN A 265 21.74 32.67 3.72
N LEU A 266 22.14 31.53 4.25
CA LEU A 266 21.66 31.10 5.55
C LEU A 266 22.36 31.88 6.66
N PRO A 267 21.63 32.58 7.53
CA PRO A 267 22.25 33.17 8.72
C PRO A 267 22.31 32.19 9.88
N LEU A 268 23.51 31.81 10.29
CA LEU A 268 23.69 30.92 11.44
C LEU A 268 24.64 31.55 12.44
N ASN A 269 24.29 31.43 13.73
CA ASN A 269 25.10 31.97 14.82
C ASN A 269 25.38 33.46 14.62
N LYS A 270 24.38 34.22 14.19
CA LYS A 270 24.49 35.63 13.87
C LYS A 270 25.50 35.89 12.76
N LYS A 271 25.96 34.84 12.09
CA LYS A 271 26.94 34.96 11.02
C LYS A 271 26.29 34.58 9.70
N GLN A 272 26.57 35.37 8.66
CA GLN A 272 25.93 35.20 7.37
C GLN A 272 26.77 34.25 6.54
N TYR A 273 26.32 32.99 6.44
CA TYR A 273 27.02 31.99 5.65
C TYR A 273 26.63 32.09 4.18
N GLN A 274 27.16 31.17 3.38
CA GLN A 274 26.85 31.11 1.95
C GLN A 274 27.02 29.66 1.50
N ILE A 275 25.91 29.05 1.09
CA ILE A 275 25.90 27.65 0.66
C ILE A 275 25.65 27.66 -0.83
N GLU A 276 26.58 27.09 -1.60
CA GLU A 276 26.42 27.00 -3.04
C GLU A 276 25.71 25.71 -3.41
N LEU A 277 24.83 25.80 -4.39
CA LEU A 277 23.98 24.68 -4.77
C LEU A 277 24.19 24.35 -6.24
N TRP A 278 23.62 23.23 -6.66
CA TRP A 278 23.46 22.93 -8.07
C TRP A 278 22.03 23.25 -8.49
N GLY A 279 21.85 23.52 -9.78
CA GLY A 279 20.52 23.81 -10.27
C GLY A 279 19.70 22.56 -10.49
N ASN A 280 18.38 22.71 -10.37
CA ASN A 280 17.45 21.67 -10.73
C ASN A 280 16.86 21.98 -12.08
N ARG A 281 16.72 20.95 -12.91
CA ARG A 281 15.95 21.12 -14.13
C ARG A 281 14.48 21.38 -13.83
N GLN A 282 14.04 21.10 -12.61
CA GLN A 282 12.71 21.52 -12.18
C GLN A 282 12.61 23.03 -12.16
N VAL A 283 13.66 23.70 -11.74
CA VAL A 283 13.67 25.14 -11.46
C VAL A 283 14.54 25.81 -12.51
N ASN A 284 14.56 25.25 -13.72
CA ASN A 284 15.40 25.79 -14.79
C ASN A 284 14.99 27.22 -15.13
N LYS A 285 15.96 27.98 -15.64
CA LYS A 285 15.76 29.39 -15.91
C LYS A 285 14.65 29.61 -16.94
N GLY A 286 13.83 30.63 -16.70
CA GLY A 286 12.76 31.00 -17.59
C GLY A 286 11.45 30.31 -17.32
N THR A 287 11.46 29.22 -16.58
CA THR A 287 10.23 28.49 -16.29
C THR A 287 9.39 29.21 -15.26
N LYS A 288 8.09 28.91 -15.24
CA LYS A 288 7.22 29.47 -14.22
C LYS A 288 7.55 28.93 -12.85
N GLU A 289 8.03 27.69 -12.77
CA GLU A 289 8.35 27.10 -11.47
C GLU A 289 9.49 27.83 -10.79
N ARG A 290 10.48 28.32 -11.55
CA ARG A 290 11.54 29.12 -10.95
C ARG A 290 10.97 30.40 -10.35
N ASP A 291 10.09 31.09 -11.09
CA ASP A 291 9.50 32.32 -10.59
C ASP A 291 8.68 32.06 -9.34
N ALA A 292 7.85 31.02 -9.36
CA ALA A 292 7.04 30.71 -8.19
C ALA A 292 7.91 30.33 -7.00
N PHE A 293 9.01 29.63 -7.24
CA PHE A 293 9.90 29.24 -6.16
C PHE A 293 10.57 30.45 -5.53
N LEU A 294 11.14 31.32 -6.35
CA LEU A 294 11.89 32.45 -5.81
C LEU A 294 10.97 33.53 -5.25
N ASN A 295 9.78 33.70 -5.86
CA ASN A 295 8.85 34.70 -5.34
C ASN A 295 8.28 34.29 -4.00
N THR A 296 7.82 33.05 -3.87
CA THR A 296 7.15 32.57 -2.65
C THR A 296 7.80 31.27 -2.21
N TYR A 297 8.88 31.34 -1.45
CA TYR A 297 9.42 30.16 -0.80
C TYR A 297 9.24 30.27 0.70
N GLY A 298 8.93 29.14 1.33
CA GLY A 298 8.53 29.12 2.71
C GLY A 298 9.65 29.43 3.68
N GLU A 299 9.47 28.97 4.91
CA GLU A 299 10.43 29.19 5.97
C GLU A 299 11.16 27.94 6.40
N ASN A 300 10.50 26.78 6.32
CA ASN A 300 11.09 25.54 6.76
C ASN A 300 12.13 25.04 5.75
N ILE A 301 13.29 24.64 6.28
CA ILE A 301 14.38 24.09 5.47
C ILE A 301 14.73 22.71 6.03
N VAL A 302 14.87 21.72 5.15
CA VAL A 302 15.27 20.37 5.52
C VAL A 302 16.67 20.14 4.98
N PHE A 303 17.52 19.50 5.80
CA PHE A 303 18.86 19.08 5.40
C PHE A 303 18.91 17.57 5.46
N ILE A 304 19.41 16.94 4.41
CA ILE A 304 19.41 15.48 4.26
C ILE A 304 20.82 15.05 3.88
N ILE A 305 21.29 13.95 4.46
CA ILE A 305 22.47 13.27 3.93
C ILE A 305 22.02 12.02 3.20
N ASN A 306 22.14 12.02 1.88
CA ASN A 306 21.66 10.93 1.05
C ASN A 306 22.83 10.36 0.27
N ASN A 307 23.39 9.25 0.77
CA ASN A 307 24.58 8.62 0.20
C ASN A 307 25.80 9.55 0.29
N ASP A 308 26.12 9.97 1.50
CA ASP A 308 27.32 10.77 1.78
C ASP A 308 27.31 12.12 1.07
N GLU A 309 26.13 12.62 0.72
CA GLU A 309 26.03 13.93 0.08
C GLU A 309 24.88 14.70 0.73
N LEU A 310 25.04 16.02 0.81
CA LEU A 310 24.06 16.86 1.49
C LEU A 310 23.08 17.46 0.50
N TYR A 311 21.83 17.61 0.94
CA TYR A 311 20.73 18.12 0.13
C TYR A 311 19.91 19.11 0.93
N VAL A 312 19.30 20.07 0.24
CA VAL A 312 18.44 21.07 0.85
C VAL A 312 17.06 20.95 0.21
N VAL A 313 16.03 20.92 1.04
CA VAL A 313 14.65 20.87 0.59
C VAL A 313 13.97 22.16 1.03
N PHE A 314 13.41 22.90 0.08
CA PHE A 314 12.57 24.03 0.38
C PHE A 314 11.11 23.68 0.09
N SER A 315 10.23 24.67 0.19
CA SER A 315 8.80 24.45 -0.01
C SER A 315 8.20 25.77 -0.50
N TYR A 316 7.71 25.77 -1.73
CA TYR A 316 7.10 26.95 -2.31
C TYR A 316 5.62 26.69 -2.57
N GLU A 317 4.92 27.72 -3.02
CA GLU A 317 3.50 27.61 -3.31
C GLU A 317 3.22 28.03 -4.75
N TYR A 318 2.41 27.22 -5.43
CA TYR A 318 2.09 27.40 -6.84
C TYR A 318 0.58 27.25 -6.99
N GLU A 319 0.09 27.46 -8.21
CA GLU A 319 -1.32 27.29 -8.51
C GLU A 319 -1.46 26.20 -9.57
N LEU A 320 -2.19 25.14 -9.23
CA LEU A 320 -2.42 24.06 -10.17
C LEU A 320 -3.56 24.41 -11.12
N GLU A 321 -3.40 24.00 -12.37
CA GLU A 321 -4.36 24.29 -13.43
C GLU A 321 -4.94 23.01 -14.00
N LYS A 322 -5.27 22.06 -13.12
CA LYS A 322 -5.79 20.78 -13.57
C LYS A 322 -7.11 20.97 -14.33
N GLU A 323 -7.22 20.29 -15.46
CA GLU A 323 -8.39 20.43 -16.32
C GLU A 323 -9.54 19.62 -15.74
N GLU A 324 -10.70 19.70 -16.39
CA GLU A 324 -11.92 19.07 -15.91
C GLU A 324 -12.37 18.00 -16.90
N ALA A 325 -13.19 17.08 -16.40
CA ALA A 325 -13.63 15.94 -17.20
C ALA A 325 -14.38 16.41 -18.45
N ASN A 326 -14.10 15.74 -19.56
CA ASN A 326 -14.66 16.12 -20.86
C ASN A 326 -15.76 15.20 -21.33
N PHE A 327 -15.61 13.89 -21.13
CA PHE A 327 -16.61 12.89 -21.53
C PHE A 327 -16.84 12.89 -23.03
N VAL A 328 -15.75 12.68 -23.78
CA VAL A 328 -15.85 12.47 -25.22
C VAL A 328 -15.24 11.14 -25.64
N LYS A 329 -14.04 10.81 -25.15
CA LYS A 329 -13.37 9.57 -25.50
C LYS A 329 -12.87 8.95 -24.21
N THR A 330 -13.47 7.85 -23.79
CA THR A 330 -13.16 7.24 -22.52
C THR A 330 -12.62 5.84 -22.71
N VAL A 331 -11.78 5.43 -21.77
CA VAL A 331 -11.16 4.11 -21.76
C VAL A 331 -11.21 3.57 -20.33
N GLY A 332 -11.53 2.29 -20.19
CA GLY A 332 -11.40 1.60 -18.93
C GLY A 332 -10.14 0.77 -18.92
N LEU A 333 -9.44 0.76 -17.80
CA LEU A 333 -8.26 -0.06 -17.59
C LEU A 333 -8.54 -1.05 -16.48
N ALA A 334 -8.64 -2.32 -16.84
CA ALA A 334 -8.65 -3.38 -15.85
C ALA A 334 -7.22 -3.69 -15.42
N VAL A 335 -7.01 -3.77 -14.12
CA VAL A 335 -5.69 -4.08 -13.57
C VAL A 335 -5.79 -5.49 -13.01
N ASN A 336 -5.41 -6.47 -13.81
CA ASN A 336 -5.41 -7.87 -13.42
C ASN A 336 -4.01 -8.43 -13.63
N PHE A 337 -3.39 -8.90 -12.56
CA PHE A 337 -1.98 -9.26 -12.63
C PHE A 337 -1.77 -10.55 -13.42
N LYS A 338 -2.73 -11.45 -13.39
CA LYS A 338 -2.65 -12.64 -14.22
C LYS A 338 -2.61 -12.25 -15.69
N HIS A 339 -1.69 -12.85 -16.43
CA HIS A 339 -1.45 -12.52 -17.84
C HIS A 339 -1.11 -11.03 -17.91
N ALA A 340 -1.54 -10.31 -18.94
CA ALA A 340 -1.14 -8.92 -19.14
C ALA A 340 -1.52 -8.06 -17.94
N PHE A 341 -0.63 -7.13 -17.59
CA PHE A 341 -0.86 -6.26 -16.44
C PHE A 341 -2.02 -5.31 -16.66
N PHE A 342 -2.10 -4.70 -17.85
CA PHE A 342 -3.06 -3.63 -18.11
C PHE A 342 -3.86 -3.98 -19.36
N VAL A 343 -5.06 -4.50 -19.16
CA VAL A 343 -6.00 -4.66 -20.26
C VAL A 343 -6.93 -3.47 -20.29
N THR A 344 -7.24 -3.00 -21.50
CA THR A 344 -8.14 -1.87 -21.68
C THR A 344 -9.46 -2.33 -22.25
N SER A 345 -10.36 -1.36 -22.44
CA SER A 345 -11.62 -1.63 -23.11
C SER A 345 -11.47 -1.50 -24.62
N GLU A 346 -10.26 -1.19 -25.08
CA GLU A 346 -10.03 -0.91 -26.50
C GLU A 346 -9.71 -2.19 -27.26
N LYS A 347 -9.90 -2.14 -28.57
CA LYS A 347 -9.58 -3.25 -29.46
C LYS A 347 -8.37 -2.84 -30.30
N ASP A 348 -7.42 -3.77 -30.47
CA ASP A 348 -6.17 -3.45 -31.14
C ASP A 348 -6.32 -3.50 -32.65
N ASN A 349 -6.98 -2.51 -33.23
CA ASN A 349 -7.09 -2.38 -34.68
C ASN A 349 -5.94 -1.57 -35.25
N CYS A 350 -4.80 -1.54 -34.57
CA CYS A 350 -3.61 -0.82 -35.00
C CYS A 350 -3.93 0.66 -35.24
N HIS A 351 -4.64 1.25 -34.30
CA HIS A 351 -5.04 2.65 -34.38
C HIS A 351 -4.26 3.54 -33.44
N LEU A 352 -3.74 3.00 -32.34
CA LEU A 352 -2.97 3.80 -31.41
C LEU A 352 -1.58 4.08 -31.96
N ASP A 353 -1.15 5.33 -31.85
CA ASP A 353 0.16 5.73 -32.31
C ASP A 353 1.21 5.46 -31.23
N GLY A 354 2.33 4.89 -31.65
CA GLY A 354 3.39 4.58 -30.72
C GLY A 354 3.03 3.53 -29.69
N TYR A 355 2.28 2.52 -30.11
CA TYR A 355 1.89 1.41 -29.25
C TYR A 355 2.43 0.12 -29.86
N ILE A 356 3.19 -0.64 -29.08
CA ILE A 356 3.68 -1.94 -29.50
C ILE A 356 2.93 -3.01 -28.72
N ASN A 357 2.20 -3.85 -29.44
CA ASN A 357 1.45 -4.95 -28.84
C ASN A 357 2.38 -6.13 -28.71
N LEU A 358 2.76 -6.47 -27.48
CA LEU A 358 3.77 -7.50 -27.29
C LEU A 358 3.20 -8.91 -27.44
N TYR A 359 1.91 -9.09 -27.15
CA TYR A 359 1.31 -10.41 -27.36
C TYR A 359 1.22 -10.74 -28.83
N LYS A 360 0.93 -9.75 -29.68
CA LYS A 360 1.00 -9.99 -31.12
C LYS A 360 2.42 -10.32 -31.55
N TYR A 361 3.41 -9.61 -31.00
CA TYR A 361 4.80 -9.88 -31.35
C TYR A 361 5.20 -11.29 -30.97
N LEU A 362 4.65 -11.80 -29.86
CA LEU A 362 4.97 -13.16 -29.44
C LEU A 362 4.28 -14.21 -30.30
N LEU A 363 3.25 -13.84 -31.06
CA LEU A 363 2.52 -14.82 -31.84
C LEU A 363 3.07 -15.00 -33.23
N GLU A 364 3.76 -13.99 -33.78
CA GLU A 364 4.38 -14.14 -35.09
C GLU A 364 5.50 -15.18 -35.04
N HIS A 365 6.27 -15.18 -33.95
CA HIS A 365 7.36 -16.12 -33.79
C HIS A 365 6.83 -17.52 -33.49
N ASP A 366 7.50 -18.52 -34.06
CA ASP A 366 7.06 -19.90 -33.93
C ASP A 366 7.75 -20.66 -32.81
N GLU A 367 8.92 -20.20 -32.35
CA GLU A 367 9.57 -20.85 -31.23
C GLU A 367 8.71 -20.78 -29.97
N PHE A 368 7.76 -19.85 -29.95
CA PHE A 368 6.85 -19.69 -28.83
C PHE A 368 5.55 -20.45 -29.01
N THR A 369 4.87 -20.29 -30.15
CA THR A 369 3.59 -20.93 -30.39
C THR A 369 3.73 -22.37 -30.83
N ASN A 370 4.91 -22.97 -30.68
CA ASN A 370 5.06 -24.41 -30.84
C ASN A 370 5.10 -25.11 -29.50
N LEU A 371 5.35 -24.39 -28.42
CA LEU A 371 5.28 -24.92 -27.08
C LEU A 371 3.93 -24.71 -26.44
N LEU A 372 3.04 -23.96 -27.08
CA LEU A 372 1.74 -23.60 -26.49
C LEU A 372 0.69 -24.62 -26.91
N THR A 373 -0.12 -25.05 -25.95
CA THR A 373 -1.20 -25.99 -26.24
C THR A 373 -2.34 -25.29 -26.98
N ASN A 374 -3.36 -26.06 -27.30
CA ASN A 374 -4.47 -25.54 -28.09
C ASN A 374 -5.30 -24.52 -27.31
N ASP A 375 -5.38 -24.68 -25.99
CA ASP A 375 -6.06 -23.69 -25.16
C ASP A 375 -5.26 -22.40 -25.09
N GLU A 376 -3.96 -22.52 -24.84
CA GLU A 376 -3.12 -21.34 -24.66
C GLU A 376 -3.07 -20.51 -25.94
N LYS A 377 -3.05 -21.16 -27.09
CA LYS A 377 -3.06 -20.42 -28.35
C LYS A 377 -4.30 -19.53 -28.44
N LYS A 378 -5.48 -20.09 -28.14
CA LYS A 378 -6.69 -19.29 -28.19
C LYS A 378 -6.68 -18.17 -27.17
N ASP A 379 -6.20 -18.44 -25.94
CA ASP A 379 -6.14 -17.38 -24.95
C ASP A 379 -5.23 -16.22 -25.39
N TYR A 380 -4.00 -16.55 -25.79
CA TYR A 380 -3.07 -15.52 -26.24
C TYR A 380 -3.59 -14.78 -27.47
N GLU A 381 -4.25 -15.48 -28.39
CA GLU A 381 -4.77 -14.83 -29.57
C GLU A 381 -6.00 -13.97 -29.28
N GLU A 382 -6.76 -14.28 -28.23
CA GLU A 382 -7.81 -13.40 -27.76
C GLU A 382 -7.25 -12.13 -27.12
N LEU A 383 -6.20 -12.26 -26.32
CA LEU A 383 -5.54 -11.06 -25.79
C LEU A 383 -4.92 -10.22 -26.88
N SER A 384 -4.31 -10.85 -27.88
CA SER A 384 -3.58 -10.09 -28.90
C SER A 384 -4.51 -9.21 -29.73
N LYS A 385 -5.81 -9.48 -29.70
CA LYS A 385 -6.74 -8.68 -30.49
C LYS A 385 -7.12 -7.40 -29.74
N VAL A 386 -6.82 -7.32 -28.45
CA VAL A 386 -7.17 -6.13 -27.68
C VAL A 386 -5.91 -5.33 -27.36
N VAL A 387 -6.12 -4.14 -26.80
CA VAL A 387 -5.01 -3.28 -26.38
C VAL A 387 -4.61 -3.70 -24.97
N THR A 388 -3.41 -4.26 -24.84
CA THR A 388 -2.88 -4.71 -23.56
C THR A 388 -1.53 -4.05 -23.32
N PHE A 389 -1.00 -4.22 -22.11
CA PHE A 389 0.27 -3.63 -21.73
C PHE A 389 1.01 -4.51 -20.75
N CYS A 390 2.35 -4.40 -20.75
CA CYS A 390 3.22 -5.05 -19.80
C CYS A 390 2.97 -6.55 -19.72
N PRO A 391 3.40 -7.32 -20.71
CA PRO A 391 3.04 -8.75 -20.78
C PRO A 391 3.67 -9.57 -19.66
N PHE A 392 3.45 -9.13 -18.43
CA PHE A 392 3.81 -9.90 -17.26
C PHE A 392 3.10 -11.24 -17.32
N GLU A 393 3.84 -12.32 -17.10
CA GLU A 393 3.27 -13.66 -17.13
C GLU A 393 3.69 -14.35 -15.84
N ASN A 394 2.84 -14.25 -14.82
CA ASN A 394 3.24 -14.69 -13.49
C ASN A 394 3.58 -16.17 -13.48
N GLN A 395 2.87 -16.98 -14.28
CA GLN A 395 3.15 -18.41 -14.30
C GLN A 395 4.43 -18.70 -15.07
N LEU A 396 4.62 -18.04 -16.22
CA LEU A 396 5.84 -18.22 -16.98
C LEU A 396 7.04 -17.66 -16.23
N LEU A 397 6.89 -16.49 -15.62
CA LEU A 397 8.03 -15.84 -14.98
C LEU A 397 8.56 -16.68 -13.84
N PHE A 398 7.70 -17.45 -13.18
CA PHE A 398 8.13 -18.30 -12.08
C PHE A 398 9.03 -19.45 -12.54
N ALA A 399 9.14 -19.66 -13.86
CA ALA A 399 10.05 -20.67 -14.36
C ALA A 399 11.51 -20.26 -14.17
N ARG A 400 11.78 -18.96 -14.03
CA ARG A 400 13.14 -18.54 -13.70
C ARG A 400 13.58 -19.07 -12.36
N TYR A 401 12.68 -19.06 -11.37
CA TYR A 401 13.01 -19.54 -10.05
C TYR A 401 12.88 -21.05 -9.93
N ASN A 402 11.96 -21.66 -10.66
CA ASN A 402 11.70 -23.10 -10.58
C ASN A 402 12.45 -23.78 -11.73
N LYS A 403 13.59 -24.37 -11.41
CA LYS A 403 14.40 -25.02 -12.45
C LYS A 403 13.68 -26.22 -13.04
N MET A 404 12.97 -26.99 -12.22
CA MET A 404 12.25 -28.17 -12.68
C MET A 404 10.83 -27.84 -13.14
N SER A 405 10.55 -26.59 -13.47
CA SER A 405 9.19 -26.20 -13.81
C SER A 405 8.76 -26.79 -15.16
N LYS A 406 7.48 -27.12 -15.25
CA LYS A 406 6.91 -27.52 -16.53
C LYS A 406 6.88 -26.36 -17.51
N PHE A 407 6.87 -25.13 -17.00
CA PHE A 407 6.75 -23.94 -17.81
C PHE A 407 8.09 -23.34 -18.20
N CYS A 408 9.19 -23.98 -17.83
CA CYS A 408 10.49 -23.60 -18.34
C CYS A 408 10.60 -24.00 -19.81
N LYS A 409 11.53 -23.34 -20.51
CA LYS A 409 11.67 -23.35 -21.97
C LYS A 409 10.57 -22.49 -22.58
N LYS A 410 9.61 -22.06 -21.77
CA LYS A 410 8.68 -21.04 -22.21
C LYS A 410 9.09 -19.68 -21.69
N GLU A 411 9.63 -19.63 -20.48
CA GLU A 411 10.22 -18.43 -19.92
C GLU A 411 11.53 -18.07 -20.61
N GLN A 412 12.30 -19.05 -21.08
CA GLN A 412 13.50 -18.76 -21.85
C GLN A 412 13.19 -18.19 -23.23
N VAL A 413 12.24 -18.79 -23.94
CA VAL A 413 11.87 -18.30 -25.26
C VAL A 413 11.20 -16.95 -25.17
N LEU A 414 10.30 -16.77 -24.20
CA LEU A 414 9.65 -15.49 -24.00
C LEU A 414 10.67 -14.39 -23.72
N SER A 415 11.59 -14.66 -22.79
CA SER A 415 12.60 -13.68 -22.43
C SER A 415 13.51 -13.37 -23.61
N LYS A 416 13.96 -14.40 -24.33
CA LYS A 416 14.86 -14.17 -25.45
C LYS A 416 14.20 -13.31 -26.52
N LEU A 417 12.94 -13.63 -26.85
CA LEU A 417 12.26 -12.85 -27.87
C LEU A 417 12.03 -11.41 -27.43
N LEU A 418 11.66 -11.21 -26.15
CA LEU A 418 11.47 -9.86 -25.66
C LEU A 418 12.76 -9.06 -25.69
N TYR A 419 13.87 -9.65 -25.25
CA TYR A 419 15.14 -8.94 -25.24
C TYR A 419 15.62 -8.66 -26.67
N ALA A 420 15.35 -9.58 -27.59
CA ALA A 420 15.71 -9.34 -28.99
C ALA A 420 14.91 -8.19 -29.57
N LEU A 421 13.62 -8.11 -29.25
CA LEU A 421 12.83 -6.95 -29.64
C LEU A 421 13.39 -5.68 -29.02
N GLN A 422 13.89 -5.76 -27.79
CA GLN A 422 14.49 -4.60 -27.14
C GLN A 422 15.71 -4.10 -27.91
N LYS A 423 16.59 -5.02 -28.31
CA LYS A 423 17.75 -4.61 -29.11
C LYS A 423 17.32 -4.05 -30.46
N GLN A 424 16.31 -4.64 -31.08
CA GLN A 424 15.84 -4.12 -32.36
C GLN A 424 15.28 -2.71 -32.20
N LEU A 425 14.55 -2.47 -31.11
CA LEU A 425 14.03 -1.14 -30.83
C LEU A 425 15.15 -0.13 -30.62
N LYS A 426 16.21 -0.54 -29.92
CA LYS A 426 17.38 0.33 -29.76
C LYS A 426 17.99 0.68 -31.10
N ASP A 427 18.15 -0.32 -31.97
CA ASP A 427 18.83 -0.09 -33.25
C ASP A 427 17.98 0.74 -34.20
N GLU A 428 16.65 0.58 -34.13
CA GLU A 428 15.78 1.40 -34.97
C GLU A 428 15.45 2.75 -34.35
N ASN A 429 15.93 3.01 -33.13
CA ASN A 429 15.74 4.27 -32.41
C ASN A 429 14.28 4.62 -32.18
N ARG A 430 13.48 3.71 -31.61
CA ARG A 430 12.17 4.06 -31.10
C ARG A 430 12.25 4.08 -29.57
N THR A 431 12.68 5.22 -29.02
CA THR A 431 13.02 5.35 -27.62
C THR A 431 11.81 5.25 -26.69
N LYS A 432 10.65 5.76 -27.10
CA LYS A 432 9.46 5.65 -26.27
C LYS A 432 9.11 4.19 -26.02
N GLU A 433 9.09 3.39 -27.08
CA GLU A 433 8.80 1.96 -26.93
C GLU A 433 10.00 1.20 -26.40
N TYR A 434 11.21 1.67 -26.70
CA TYR A 434 12.42 1.02 -26.20
C TYR A 434 12.47 1.06 -24.67
N ILE A 435 12.18 2.23 -24.09
CA ILE A 435 12.17 2.34 -22.63
C ILE A 435 11.08 1.43 -22.07
N TYR A 436 9.92 1.39 -22.72
CA TYR A 436 8.84 0.54 -22.26
C TYR A 436 9.28 -0.91 -22.19
N VAL A 437 9.85 -1.42 -23.27
CA VAL A 437 10.21 -2.84 -23.32
C VAL A 437 11.37 -3.13 -22.38
N SER A 438 12.34 -2.22 -22.28
CA SER A 438 13.46 -2.45 -21.38
C SER A 438 13.01 -2.45 -19.92
N CYS A 439 12.12 -1.54 -19.56
CA CYS A 439 11.57 -1.54 -18.22
C CYS A 439 10.68 -2.75 -17.98
N VAL A 440 10.03 -3.28 -19.02
CA VAL A 440 9.26 -4.51 -18.87
C VAL A 440 10.19 -5.67 -18.54
N ASN A 441 11.26 -5.81 -19.31
CA ASN A 441 12.24 -6.87 -19.05
C ASN A 441 12.82 -6.73 -17.66
N LYS A 442 13.19 -5.51 -17.28
CA LYS A 442 13.81 -5.28 -16.00
C LYS A 442 12.81 -5.46 -14.86
N LEU A 443 11.55 -5.13 -15.09
CA LEU A 443 10.52 -5.38 -14.09
C LEU A 443 10.37 -6.87 -13.85
N ARG A 444 10.37 -7.65 -14.93
CA ARG A 444 10.26 -9.10 -14.80
C ARG A 444 11.45 -9.70 -14.07
N ALA A 445 12.65 -9.23 -14.39
CA ALA A 445 13.84 -9.75 -13.71
C ALA A 445 13.94 -9.27 -12.28
N LYS A 446 13.59 -8.00 -12.03
CA LYS A 446 13.66 -7.42 -10.71
C LYS A 446 12.60 -7.96 -9.78
N TYR A 447 11.47 -8.43 -10.29
CA TYR A 447 10.52 -9.10 -9.42
C TYR A 447 11.09 -10.44 -8.95
N VAL A 448 11.81 -11.15 -9.81
CA VAL A 448 12.49 -12.37 -9.37
C VAL A 448 13.55 -12.04 -8.34
N SER A 449 14.29 -10.95 -8.55
CA SER A 449 15.28 -10.52 -7.56
C SER A 449 14.61 -10.16 -6.24
N TYR A 450 13.46 -9.47 -6.30
CA TYR A 450 12.70 -9.15 -5.11
C TYR A 450 12.27 -10.39 -4.37
N PHE A 451 11.80 -11.40 -5.12
CA PHE A 451 11.42 -12.66 -4.51
C PHE A 451 12.60 -13.34 -3.85
N ILE A 452 13.74 -13.38 -4.53
CA ILE A 452 14.94 -14.00 -3.97
C ILE A 452 15.32 -13.31 -2.67
N LEU A 453 15.42 -11.99 -2.69
CA LEU A 453 15.84 -11.24 -1.51
C LEU A 453 14.82 -11.29 -0.38
N LYS A 454 13.53 -11.22 -0.67
CA LYS A 454 12.50 -11.23 0.35
C LYS A 454 12.33 -12.61 0.98
N GLU A 455 12.60 -13.68 0.24
CA GLU A 455 12.60 -14.99 0.86
C GLU A 455 13.90 -15.36 1.52
N LYS A 456 15.03 -14.82 1.09
CA LYS A 456 16.22 -14.84 1.93
C LYS A 456 15.98 -14.07 3.21
N TYR A 457 15.21 -12.98 3.15
CA TYR A 457 14.84 -12.23 4.34
C TYR A 457 14.06 -13.12 5.31
N TYR A 458 13.11 -13.89 4.79
CA TYR A 458 12.29 -14.75 5.64
C TYR A 458 13.09 -15.92 6.19
N GLU A 459 13.93 -16.54 5.35
CA GLU A 459 14.77 -17.63 5.83
C GLU A 459 15.73 -17.14 6.90
N LYS A 460 16.35 -15.97 6.69
CA LYS A 460 17.25 -15.40 7.67
C LYS A 460 16.50 -15.02 8.94
N GLN A 461 15.27 -14.55 8.81
CA GLN A 461 14.47 -14.23 9.97
C GLN A 461 14.15 -15.47 10.79
N LYS A 462 13.83 -16.57 10.12
CA LYS A 462 13.56 -17.82 10.83
C LYS A 462 14.80 -18.32 11.53
N GLU A 463 15.95 -18.26 10.86
CA GLU A 463 17.19 -18.63 11.51
C GLU A 463 17.47 -17.73 12.71
N TYR A 464 17.16 -16.44 12.59
CA TYR A 464 17.36 -15.52 13.71
C TYR A 464 16.43 -15.85 14.87
N ASP A 465 15.18 -16.19 14.56
CA ASP A 465 14.23 -16.55 15.62
C ASP A 465 14.67 -17.81 16.35
N ILE A 466 15.13 -18.82 15.60
CA ILE A 466 15.55 -20.08 16.24
C ILE A 466 16.95 -20.00 16.79
N GLU A 467 17.69 -18.92 16.52
CA GLU A 467 18.98 -18.70 17.15
C GLU A 467 18.91 -17.74 18.34
N MET A 468 17.83 -16.97 18.46
CA MET A 468 17.62 -16.07 19.60
C MET A 468 16.65 -16.66 20.61
N GLY A 469 16.27 -17.92 20.45
CA GLY A 469 15.29 -18.51 21.35
C GLY A 469 13.89 -18.02 21.16
N PHE A 470 13.55 -17.49 19.99
CA PHE A 470 12.18 -17.11 19.66
C PHE A 470 11.38 -18.27 19.10
N VAL A 471 11.77 -19.51 19.43
CA VAL A 471 11.06 -20.68 18.92
C VAL A 471 9.63 -20.68 19.44
N ASP A 472 8.71 -21.20 18.62
CA ASP A 472 7.35 -21.41 19.09
C ASP A 472 7.33 -22.39 20.26
N ASP A 473 8.17 -23.42 20.19
CA ASP A 473 8.46 -24.22 21.37
C ASP A 473 9.33 -23.39 22.30
N SER A 474 8.71 -22.77 23.29
CA SER A 474 9.38 -21.78 24.12
C SER A 474 9.48 -22.28 25.56
N THR A 475 10.62 -22.02 26.18
CA THR A 475 10.88 -22.39 27.56
C THR A 475 10.83 -21.19 28.50
N GLU A 476 10.42 -20.03 28.01
CA GLU A 476 10.37 -18.81 28.79
C GLU A 476 8.93 -18.34 28.95
N SER A 477 8.73 -17.37 29.82
CA SER A 477 7.42 -16.76 29.99
C SER A 477 7.05 -15.94 28.76
N LYS A 478 5.76 -15.93 28.43
CA LYS A 478 5.30 -15.12 27.31
C LYS A 478 5.47 -13.63 27.59
N GLU A 479 5.54 -13.25 28.87
CA GLU A 479 5.81 -11.86 29.21
C GLU A 479 7.17 -11.43 28.70
N SER A 480 8.18 -12.29 28.86
CA SER A 480 9.52 -11.96 28.40
C SER A 480 9.63 -12.01 26.89
N MET A 481 8.96 -12.96 26.25
CA MET A 481 9.09 -13.14 24.81
C MET A 481 8.64 -11.91 24.06
N ASP A 482 7.52 -11.32 24.46
CA ASP A 482 7.03 -10.11 23.80
C ASP A 482 8.03 -8.97 23.94
N LYS A 483 8.64 -8.84 25.12
CA LYS A 483 9.62 -7.78 25.34
C LYS A 483 10.82 -7.96 24.40
N ARG A 484 11.40 -9.15 24.37
CA ARG A 484 12.58 -9.38 23.54
C ARG A 484 12.25 -9.25 22.05
N ARG A 485 11.06 -9.68 21.64
CA ARG A 485 10.65 -9.51 20.26
C ARG A 485 10.66 -8.03 19.87
N THR A 486 10.45 -7.15 20.84
CA THR A 486 10.54 -5.71 20.60
C THR A 486 11.93 -5.16 20.91
N GLU A 487 12.63 -5.75 21.88
CA GLU A 487 13.94 -5.23 22.27
C GLU A 487 15.01 -5.56 21.24
N PHE A 488 14.98 -6.75 20.65
CA PHE A 488 15.88 -7.13 19.56
C PHE A 488 15.11 -7.86 18.48
N PRO A 489 14.37 -7.13 17.65
CA PRO A 489 13.69 -7.77 16.52
C PRO A 489 14.70 -8.09 15.42
N PHE A 490 14.20 -8.75 14.37
CA PHE A 490 15.06 -9.04 13.23
C PHE A 490 15.41 -7.77 12.47
N ARG A 491 14.53 -6.77 12.51
CA ARG A 491 14.69 -5.60 11.65
C ARG A 491 15.95 -4.81 12.00
N ASN A 492 16.31 -4.76 13.28
CA ASN A 492 17.41 -3.90 13.70
C ASN A 492 18.76 -4.57 13.50
N THR A 493 18.77 -5.88 13.24
CA THR A 493 20.04 -6.61 13.13
C THR A 493 20.82 -6.16 11.90
N PRO A 494 22.16 -6.25 11.93
CA PRO A 494 22.95 -5.79 10.77
C PRO A 494 22.64 -6.54 9.48
N VAL A 495 22.34 -7.84 9.58
CA VAL A 495 22.07 -8.63 8.38
C VAL A 495 20.80 -8.14 7.70
N ALA A 496 19.76 -7.86 8.49
CA ALA A 496 18.49 -7.43 7.90
C ALA A 496 18.64 -6.14 7.13
N ASN A 497 19.38 -5.17 7.69
CA ASN A 497 19.61 -3.91 6.98
C ASN A 497 20.33 -4.11 5.66
N GLU A 498 21.15 -5.15 5.54
CA GLU A 498 21.74 -5.48 4.25
C GLU A 498 20.66 -5.93 3.27
N LEU A 499 19.83 -6.88 3.69
CA LEU A 499 18.75 -7.35 2.83
C LEU A 499 17.75 -6.24 2.56
N LEU A 500 17.44 -5.42 3.57
CA LEU A 500 16.47 -4.35 3.36
C LEU A 500 17.04 -3.27 2.46
N SER A 501 18.34 -3.01 2.50
CA SER A 501 18.94 -2.08 1.57
C SER A 501 18.90 -2.60 0.14
N LYS A 502 19.24 -3.89 -0.04
CA LYS A 502 19.16 -4.48 -1.37
C LYS A 502 17.72 -4.48 -1.88
N LEU A 503 16.77 -4.78 -0.99
CA LEU A 503 15.35 -4.74 -1.34
C LEU A 503 14.92 -3.33 -1.71
N ASN A 504 15.42 -2.32 -1.00
CA ASN A 504 15.10 -0.95 -1.34
C ASN A 504 15.64 -0.58 -2.71
N ASN A 505 16.85 -1.05 -3.04
CA ASN A 505 17.37 -0.81 -4.39
C ASN A 505 16.51 -1.49 -5.45
N VAL A 506 16.16 -2.76 -5.22
CA VAL A 506 15.34 -3.48 -6.18
C VAL A 506 13.97 -2.84 -6.32
N GLN A 507 13.37 -2.44 -5.21
CA GLN A 507 12.05 -1.81 -5.25
C GLN A 507 12.12 -0.43 -5.86
N GLN A 508 13.24 0.26 -5.70
CA GLN A 508 13.45 1.51 -6.42
C GLN A 508 13.45 1.28 -7.92
N ASP A 509 14.14 0.23 -8.38
CA ASP A 509 14.10 -0.11 -9.80
C ASP A 509 12.70 -0.51 -10.22
N ILE A 510 11.98 -1.25 -9.37
CA ILE A 510 10.63 -1.68 -9.68
C ILE A 510 9.71 -0.47 -9.84
N ASN A 511 9.78 0.45 -8.88
CA ASN A 511 8.98 1.66 -8.94
C ASN A 511 9.31 2.48 -10.18
N GLY A 512 10.60 2.61 -10.49
CA GLY A 512 10.96 3.36 -11.68
C GLY A 512 10.46 2.75 -12.96
N CYS A 513 10.63 1.44 -13.12
CA CYS A 513 10.17 0.77 -14.33
C CYS A 513 8.65 0.78 -14.42
N LEU A 514 7.97 0.62 -13.28
CA LEU A 514 6.52 0.70 -13.25
C LEU A 514 6.05 2.09 -13.66
N LYS A 515 6.73 3.12 -13.17
CA LYS A 515 6.41 4.48 -13.58
C LYS A 515 6.69 4.72 -15.06
N ASN A 516 7.74 4.11 -15.60
CA ASN A 516 7.99 4.21 -17.04
C ASN A 516 6.86 3.57 -17.83
N ILE A 517 6.41 2.38 -17.42
CA ILE A 517 5.31 1.70 -18.12
C ILE A 517 4.03 2.52 -18.01
N ILE A 518 3.72 3.01 -16.81
CA ILE A 518 2.50 3.78 -16.59
C ILE A 518 2.54 5.08 -17.37
N ASN A 519 3.71 5.73 -17.40
CA ASN A 519 3.89 6.92 -18.22
C ASN A 519 3.66 6.60 -19.68
N TYR A 520 4.15 5.45 -20.14
CA TYR A 520 3.95 5.03 -21.52
C TYR A 520 2.46 4.87 -21.84
N ILE A 521 1.72 4.20 -20.97
CA ILE A 521 0.28 4.00 -21.19
C ILE A 521 -0.44 5.35 -21.20
N TYR A 522 -0.14 6.18 -20.20
CA TYR A 522 -0.80 7.47 -20.09
C TYR A 522 -0.51 8.33 -21.30
N LYS A 523 0.73 8.33 -21.79
CA LYS A 523 1.06 9.15 -22.93
C LYS A 523 0.46 8.62 -24.22
N ILE A 524 0.33 7.30 -24.35
CA ILE A 524 -0.37 6.74 -25.52
C ILE A 524 -1.83 7.17 -25.50
N PHE A 525 -2.47 7.10 -24.34
CA PHE A 525 -3.88 7.50 -24.24
C PHE A 525 -4.05 9.00 -24.46
N GLU A 526 -3.10 9.80 -23.99
CA GLU A 526 -3.21 11.25 -24.10
C GLU A 526 -2.94 11.71 -25.53
N GLN A 527 -1.96 11.13 -26.20
CA GLN A 527 -1.58 11.59 -27.53
C GLN A 527 -2.56 11.14 -28.61
N ASN A 528 -3.51 10.28 -28.27
CA ASN A 528 -4.55 9.87 -29.20
C ASN A 528 -5.87 10.59 -28.96
N GLY A 529 -6.08 11.13 -27.77
CA GLY A 529 -7.24 11.96 -27.51
C GLY A 529 -8.23 11.37 -26.53
N TYR A 530 -7.75 10.57 -25.58
CA TYR A 530 -8.65 9.94 -24.60
C TYR A 530 -8.74 10.86 -23.40
N LYS A 531 -9.78 11.69 -23.39
CA LYS A 531 -9.94 12.75 -22.39
C LYS A 531 -10.18 12.21 -20.99
N ILE A 532 -10.55 10.95 -20.84
CA ILE A 532 -10.74 10.34 -19.53
C ILE A 532 -10.20 8.93 -19.58
N VAL A 533 -9.63 8.49 -18.47
CA VAL A 533 -9.21 7.10 -18.30
C VAL A 533 -9.88 6.59 -17.03
N ALA A 534 -10.76 5.61 -17.19
CA ALA A 534 -11.57 5.11 -16.08
C ALA A 534 -10.87 3.89 -15.50
N LEU A 535 -10.25 4.07 -14.36
CA LEU A 535 -9.72 2.96 -13.59
C LEU A 535 -10.81 2.49 -12.63
N GLU A 536 -10.44 1.64 -11.67
CA GLU A 536 -11.35 1.23 -10.63
C GLU A 536 -10.79 1.65 -9.28
N ASN A 537 -11.68 1.78 -8.31
CA ASN A 537 -11.28 2.05 -6.93
C ASN A 537 -10.73 0.77 -6.31
N LEU A 538 -9.69 0.24 -6.94
CA LEU A 538 -9.10 -1.01 -6.50
C LEU A 538 -8.50 -0.84 -5.12
N GLU A 539 -8.60 -1.89 -4.31
CA GLU A 539 -8.09 -1.90 -2.96
C GLU A 539 -7.53 -3.29 -2.67
N ASN A 540 -6.74 -3.39 -1.60
CA ASN A 540 -6.06 -4.65 -1.30
C ASN A 540 -7.03 -5.77 -0.98
N SER A 541 -8.33 -5.44 -0.92
CA SER A 541 -9.38 -6.44 -0.77
C SER A 541 -9.88 -6.97 -2.10
N ASN A 542 -9.53 -6.32 -3.22
CA ASN A 542 -9.95 -6.76 -4.54
C ASN A 542 -8.99 -7.75 -5.16
N PHE A 543 -7.97 -8.17 -4.42
CA PHE A 543 -6.95 -9.08 -4.91
C PHE A 543 -7.31 -10.50 -4.50
N GLU A 544 -7.29 -11.42 -5.47
CA GLU A 544 -7.58 -12.83 -5.22
C GLU A 544 -6.25 -13.54 -4.99
N LYS A 545 -5.92 -13.81 -3.74
CA LYS A 545 -4.66 -14.42 -3.40
C LYS A 545 -4.75 -15.94 -3.55
N LYS A 546 -3.73 -16.52 -4.18
CA LYS A 546 -3.65 -17.97 -4.28
C LYS A 546 -3.58 -18.58 -2.89
N GLN A 547 -4.29 -19.69 -2.70
CA GLN A 547 -4.40 -20.30 -1.37
C GLN A 547 -3.14 -21.08 -1.05
N VAL A 548 -2.39 -20.59 -0.06
CA VAL A 548 -1.17 -21.27 0.36
C VAL A 548 -1.54 -22.56 1.09
N LEU A 549 -0.68 -23.56 0.95
CA LEU A 549 -0.90 -24.81 1.65
C LEU A 549 -0.71 -24.63 3.16
N PRO A 550 -1.39 -25.42 3.98
CA PRO A 550 -1.20 -25.33 5.43
C PRO A 550 0.23 -25.66 5.83
N THR A 551 0.73 -24.93 6.82
CA THR A 551 2.14 -25.03 7.20
C THR A 551 2.39 -26.32 7.99
N ILE A 552 3.62 -26.45 8.48
CA ILE A 552 3.97 -27.61 9.30
C ILE A 552 3.28 -27.53 10.65
N LYS A 553 3.31 -26.35 11.28
CA LYS A 553 2.66 -26.16 12.57
C LYS A 553 1.17 -26.42 12.48
N SER A 554 0.51 -25.82 11.48
CA SER A 554 -0.94 -25.92 11.40
C SER A 554 -1.39 -27.31 10.95
N LEU A 555 -0.57 -28.00 10.17
CA LEU A 555 -0.97 -29.30 9.64
C LEU A 555 -1.17 -30.31 10.78
N LEU A 556 -0.31 -30.26 11.79
CA LEU A 556 -0.38 -31.23 12.88
C LEU A 556 -1.20 -30.74 14.06
N LYS A 557 -1.14 -29.45 14.39
CA LYS A 557 -1.75 -28.95 15.62
C LYS A 557 -3.21 -28.57 15.40
N TYR A 558 -3.48 -27.63 14.50
CA TYR A 558 -4.86 -27.25 14.27
C TYR A 558 -5.65 -28.39 13.64
N HIS A 559 -5.08 -29.05 12.63
CA HIS A 559 -5.77 -30.13 11.93
C HIS A 559 -5.76 -31.43 12.73
N LYS A 560 -5.11 -31.46 13.88
CA LYS A 560 -5.10 -32.62 14.78
C LYS A 560 -4.55 -33.87 14.10
N LEU A 561 -3.67 -33.68 13.13
CA LEU A 561 -2.99 -34.78 12.45
C LEU A 561 -1.79 -35.28 13.26
N GLU A 562 -1.50 -34.65 14.41
CA GLU A 562 -0.32 -35.00 15.18
C GLU A 562 -0.29 -36.48 15.54
N ASN A 563 -1.47 -37.09 15.74
CA ASN A 563 -1.58 -38.52 16.03
C ASN A 563 -2.84 -39.09 15.36
N GLN A 564 -2.68 -39.60 14.14
CA GLN A 564 -3.71 -40.38 13.46
C GLN A 564 -3.08 -41.11 12.28
N ASN A 565 -3.74 -42.20 11.88
CA ASN A 565 -3.22 -43.06 10.83
C ASN A 565 -3.51 -42.48 9.45
N VAL A 566 -2.79 -42.99 8.45
CA VAL A 566 -3.08 -42.65 7.06
C VAL A 566 -4.50 -43.07 6.71
N ASN A 567 -4.93 -44.23 7.21
CA ASN A 567 -6.30 -44.68 7.03
C ASN A 567 -7.31 -43.82 7.77
N ASP A 568 -6.85 -42.98 8.71
CA ASP A 568 -7.72 -42.14 9.52
C ASP A 568 -7.66 -40.72 8.99
N ILE A 569 -8.71 -40.29 8.31
CA ILE A 569 -8.79 -38.95 7.72
C ILE A 569 -10.06 -38.30 8.25
N LYS A 570 -9.92 -37.48 9.29
CA LYS A 570 -11.04 -36.76 9.88
C LYS A 570 -10.87 -35.25 9.92
N ALA A 571 -9.67 -34.73 9.67
CA ALA A 571 -9.45 -33.30 9.74
C ALA A 571 -10.27 -32.57 8.70
N SER A 572 -10.15 -32.97 7.44
CA SER A 572 -10.82 -32.35 6.31
C SER A 572 -10.49 -33.15 5.06
N ASP A 573 -11.30 -32.96 4.01
CA ASP A 573 -11.01 -33.61 2.74
C ASP A 573 -9.89 -32.90 1.99
N LYS A 574 -9.80 -31.58 2.10
CA LYS A 574 -8.77 -30.83 1.39
C LYS A 574 -7.38 -31.25 1.87
N VAL A 575 -7.23 -31.47 3.17
CA VAL A 575 -5.97 -31.99 3.68
C VAL A 575 -5.67 -33.35 3.08
N LYS A 576 -6.69 -34.19 2.93
CA LYS A 576 -6.47 -35.49 2.28
C LYS A 576 -6.02 -35.33 0.84
N GLU A 577 -6.56 -34.34 0.13
CA GLU A 577 -6.11 -34.08 -1.23
C GLU A 577 -4.65 -33.62 -1.25
N TYR A 578 -4.26 -32.81 -0.26
CA TYR A 578 -2.86 -32.44 -0.14
C TYR A 578 -1.97 -33.66 0.13
N ILE A 579 -2.47 -34.62 0.90
CA ILE A 579 -1.72 -35.84 1.13
C ILE A 579 -1.65 -36.67 -0.16
N GLU A 580 -2.69 -36.59 -0.98
CA GLU A 580 -2.71 -37.35 -2.23
C GLU A 580 -1.56 -36.94 -3.15
N ASN A 581 -1.43 -35.65 -3.42
CA ASN A 581 -0.29 -35.17 -4.15
C ASN A 581 0.94 -35.12 -3.22
N GLY A 582 2.12 -35.11 -3.82
CA GLY A 582 3.34 -35.12 -3.04
C GLY A 582 3.69 -33.79 -2.43
N TYR A 583 2.78 -33.22 -1.63
CA TYR A 583 3.06 -31.93 -1.01
C TYR A 583 3.72 -32.12 0.35
N TYR A 584 3.16 -32.99 1.18
CA TYR A 584 3.74 -33.33 2.47
C TYR A 584 4.29 -34.75 2.43
N GLU A 585 5.40 -34.97 3.12
CA GLU A 585 5.96 -36.30 3.33
C GLU A 585 5.65 -36.70 4.76
N LEU A 586 4.56 -37.44 4.96
CA LEU A 586 4.10 -37.83 6.28
C LEU A 586 4.94 -39.01 6.76
N ILE A 587 5.78 -38.77 7.76
CA ILE A 587 6.69 -39.78 8.27
C ILE A 587 6.02 -40.45 9.46
N THR A 588 5.80 -41.77 9.35
CA THR A 588 5.11 -42.50 10.40
C THR A 588 6.07 -42.82 11.55
N ASN A 589 5.50 -42.87 12.76
CA ASN A 589 6.22 -43.28 13.95
C ASN A 589 6.03 -44.78 14.16
N GLU A 590 6.39 -45.28 15.34
CA GLU A 590 6.21 -46.70 15.64
C GLU A 590 4.76 -47.12 15.64
N ASN A 591 3.82 -46.16 15.71
CA ASN A 591 2.40 -46.45 15.75
C ASN A 591 1.75 -46.50 14.38
N ASN A 592 2.53 -46.36 13.30
CA ASN A 592 2.07 -46.26 11.92
C ASN A 592 1.21 -45.02 11.70
N GLU A 593 1.02 -44.18 12.71
CA GLU A 593 0.26 -42.94 12.60
C GLU A 593 1.24 -41.79 12.46
N ILE A 594 0.82 -40.73 11.76
CA ILE A 594 1.73 -39.65 11.43
C ILE A 594 2.05 -38.83 12.67
N VAL A 595 3.32 -38.81 13.05
CA VAL A 595 3.82 -37.98 14.13
C VAL A 595 4.75 -36.89 13.63
N ASP A 596 5.68 -37.24 12.74
CA ASP A 596 6.57 -36.28 12.11
C ASP A 596 6.08 -36.01 10.69
N ALA A 597 6.00 -34.73 10.33
CA ALA A 597 5.56 -34.32 9.01
C ALA A 597 6.65 -33.48 8.33
N LYS A 598 6.59 -33.46 7.00
CA LYS A 598 7.60 -32.79 6.19
C LYS A 598 6.94 -31.85 5.20
N TYR A 599 7.78 -31.05 4.55
CA TYR A 599 7.42 -30.32 3.34
C TYR A 599 8.19 -30.96 2.19
N THR A 600 7.48 -31.59 1.27
CA THR A 600 8.13 -32.19 0.11
C THR A 600 8.56 -31.10 -0.86
N GLU A 601 9.59 -31.42 -1.65
CA GLU A 601 10.11 -30.45 -2.61
C GLU A 601 9.04 -29.98 -3.57
N LYS A 602 8.14 -30.88 -3.96
CA LYS A 602 6.96 -30.47 -4.73
C LYS A 602 6.08 -29.51 -3.93
N GLY A 603 5.85 -29.81 -2.65
CA GLY A 603 5.11 -28.92 -1.77
C GLY A 603 5.86 -27.65 -1.45
N ALA A 604 7.17 -27.76 -1.25
CA ALA A 604 7.99 -26.57 -1.03
C ALA A 604 7.89 -25.62 -2.21
N MET A 605 7.94 -26.15 -3.43
CA MET A 605 7.82 -25.32 -4.62
C MET A 605 6.37 -24.90 -4.91
N LYS A 606 5.39 -25.59 -4.34
CA LYS A 606 4.00 -25.14 -4.37
C LYS A 606 3.79 -23.89 -3.52
N VAL A 607 4.32 -23.91 -2.29
CA VAL A 607 4.26 -22.74 -1.42
C VAL A 607 4.98 -21.57 -2.07
N LYS A 608 6.10 -21.85 -2.75
CA LYS A 608 6.83 -20.79 -3.44
C LYS A 608 6.00 -20.19 -4.57
N ASN A 609 5.26 -21.03 -5.31
CA ASN A 609 4.39 -20.49 -6.34
C ASN A 609 3.31 -19.59 -5.75
N ALA A 610 2.71 -20.01 -4.64
CA ALA A 610 1.70 -19.19 -3.99
C ALA A 610 2.27 -17.86 -3.52
N ASN A 611 3.42 -17.90 -2.85
CA ASN A 611 4.07 -16.66 -2.40
C ASN A 611 4.46 -15.77 -3.58
N PHE A 612 4.97 -16.38 -4.65
CA PHE A 612 5.37 -15.63 -5.83
C PHE A 612 4.20 -14.89 -6.43
N PHE A 613 3.02 -15.51 -6.47
CA PHE A 613 1.86 -14.81 -6.99
C PHE A 613 1.34 -13.75 -6.02
N ASN A 614 1.29 -14.06 -4.72
CA ASN A 614 0.70 -13.15 -3.76
C ASN A 614 1.54 -11.90 -3.58
N LEU A 615 2.86 -12.03 -3.60
CA LEU A 615 3.73 -10.89 -3.30
C LEU A 615 3.64 -9.79 -4.35
N MET A 616 3.01 -10.03 -5.49
CA MET A 616 2.85 -9.01 -6.49
C MET A 616 1.93 -7.88 -6.06
N MET A 617 1.19 -8.04 -4.96
CA MET A 617 0.21 -7.04 -4.56
C MET A 617 0.89 -5.76 -4.09
N LYS A 618 1.66 -5.83 -3.01
CA LYS A 618 2.31 -4.63 -2.50
C LYS A 618 3.52 -4.25 -3.33
N SER A 619 4.30 -5.25 -3.76
CA SER A 619 5.55 -4.97 -4.46
C SER A 619 5.30 -4.25 -5.77
N LEU A 620 4.27 -4.65 -6.51
CA LEU A 620 3.98 -4.06 -7.80
C LEU A 620 2.84 -3.04 -7.71
N HIS A 621 2.46 -2.64 -6.50
CA HIS A 621 1.50 -1.56 -6.27
C HIS A 621 0.16 -1.85 -6.93
N PHE A 622 -0.50 -2.90 -6.46
CA PHE A 622 -1.79 -3.28 -7.03
C PHE A 622 -2.81 -2.17 -6.87
N ALA A 623 -2.87 -1.57 -5.68
CA ALA A 623 -3.84 -0.53 -5.39
C ALA A 623 -3.31 0.89 -5.60
N SER A 624 -2.10 1.03 -6.11
CA SER A 624 -1.52 2.35 -6.37
C SER A 624 -1.33 2.63 -7.85
N VAL A 625 -1.75 1.72 -8.73
CA VAL A 625 -1.69 2.01 -10.16
C VAL A 625 -2.77 2.99 -10.58
N LYS A 626 -3.57 3.47 -9.63
CA LYS A 626 -4.47 4.58 -9.89
C LYS A 626 -3.86 5.89 -9.43
N ASP A 627 -3.07 5.85 -8.35
CA ASP A 627 -2.45 7.06 -7.83
C ASP A 627 -1.46 7.66 -8.82
N GLU A 628 -0.66 6.81 -9.47
CA GLU A 628 0.29 7.32 -10.45
C GLU A 628 -0.43 7.90 -11.66
N PHE A 629 -1.54 7.27 -12.05
CA PHE A 629 -2.33 7.79 -13.16
C PHE A 629 -2.93 9.14 -12.83
N VAL A 630 -3.42 9.30 -11.60
CA VAL A 630 -3.94 10.59 -11.13
C VAL A 630 -2.83 11.64 -11.14
N LEU A 631 -1.68 11.29 -10.58
CA LEU A 631 -0.52 12.18 -10.56
C LEU A 631 -0.11 12.62 -11.95
N LEU A 632 -0.19 11.73 -12.93
CA LEU A 632 0.09 12.08 -14.31
C LEU A 632 -0.97 12.98 -14.91
N SER A 633 -2.15 13.06 -14.30
CA SER A 633 -3.20 13.97 -14.73
C SER A 633 -3.12 15.31 -14.05
N ASN A 634 -2.40 15.42 -12.94
CA ASN A 634 -2.16 16.73 -12.33
C ASN A 634 -1.53 17.70 -13.32
N ASN A 635 -0.75 17.20 -14.27
CA ASN A 635 -0.14 18.05 -15.29
C ASN A 635 -0.55 17.72 -16.71
N GLY A 636 -1.12 16.54 -16.97
CA GLY A 636 -1.53 16.15 -18.31
C GLY A 636 -2.91 16.66 -18.67
N LYS A 637 -3.39 16.20 -19.84
CA LYS A 637 -4.72 16.54 -20.32
C LYS A 637 -5.75 15.44 -20.09
N THR A 638 -5.33 14.19 -19.99
CA THR A 638 -6.23 13.10 -19.67
C THR A 638 -6.63 13.19 -18.19
N GLN A 639 -7.88 12.82 -17.91
CA GLN A 639 -8.42 12.90 -16.57
C GLN A 639 -8.81 11.51 -16.10
N ILE A 640 -8.78 11.31 -14.79
CA ILE A 640 -8.92 9.99 -14.20
C ILE A 640 -10.25 9.89 -13.50
N ALA A 641 -10.98 8.80 -13.77
CA ALA A 641 -12.28 8.53 -13.18
C ALA A 641 -12.20 7.21 -12.43
N LEU A 642 -12.61 7.21 -11.18
CA LEU A 642 -12.61 5.99 -10.37
C LEU A 642 -14.03 5.48 -10.28
N VAL A 643 -14.20 4.19 -10.57
CA VAL A 643 -15.49 3.52 -10.63
C VAL A 643 -15.56 2.57 -9.43
N PRO A 644 -16.72 2.35 -8.81
CA PRO A 644 -16.77 1.43 -7.67
C PRO A 644 -16.25 0.05 -8.03
N SER A 645 -15.39 -0.49 -7.17
CA SER A 645 -14.72 -1.77 -7.41
C SER A 645 -15.64 -2.94 -7.05
N GLU A 646 -16.76 -3.01 -7.76
CA GLU A 646 -17.70 -4.10 -7.60
C GLU A 646 -18.58 -4.15 -8.84
N PHE A 647 -18.95 -5.36 -9.23
CA PHE A 647 -19.90 -5.66 -10.30
C PHE A 647 -19.36 -5.27 -11.68
N THR A 648 -18.18 -4.65 -11.73
CA THR A 648 -17.57 -4.36 -13.02
C THR A 648 -17.01 -5.62 -13.67
N SER A 649 -16.46 -6.53 -12.88
CA SER A 649 -15.96 -7.80 -13.36
C SER A 649 -16.94 -8.93 -13.10
N GLN A 650 -18.24 -8.62 -13.06
CA GLN A 650 -19.28 -9.60 -12.80
C GLN A 650 -20.50 -9.37 -13.68
N MET A 651 -20.43 -8.42 -14.59
CA MET A 651 -21.57 -8.00 -15.41
C MET A 651 -21.26 -8.22 -16.89
N ASP A 652 -22.26 -8.65 -17.63
CA ASP A 652 -22.13 -8.88 -19.06
C ASP A 652 -21.92 -7.55 -19.77
N SER A 653 -20.88 -7.48 -20.60
CA SER A 653 -20.60 -6.25 -21.32
C SER A 653 -21.53 -6.06 -22.50
N THR A 654 -21.96 -7.16 -23.13
CA THR A 654 -22.80 -7.05 -24.31
C THR A 654 -24.16 -6.46 -23.96
N ASP A 655 -24.82 -7.00 -22.94
CA ASP A 655 -26.01 -6.40 -22.35
C ASP A 655 -25.70 -6.15 -20.88
N HIS A 656 -25.78 -4.89 -20.47
CA HIS A 656 -25.19 -4.45 -19.21
C HIS A 656 -26.13 -4.78 -18.06
N CYS A 657 -26.03 -6.02 -17.58
CA CYS A 657 -26.92 -6.53 -16.54
C CYS A 657 -26.17 -7.49 -15.63
N LEU A 658 -26.53 -7.47 -14.35
CA LEU A 658 -25.96 -8.38 -13.35
C LEU A 658 -26.79 -9.65 -13.35
N TYR A 659 -26.18 -10.77 -13.74
CA TYR A 659 -26.86 -12.05 -13.67
C TYR A 659 -27.30 -12.31 -12.24
N MET A 660 -28.59 -12.59 -12.08
CA MET A 660 -29.17 -12.87 -10.77
C MET A 660 -30.11 -14.05 -10.89
N LYS A 661 -30.21 -14.81 -9.80
CA LYS A 661 -31.01 -16.02 -9.75
C LYS A 661 -32.08 -15.90 -8.67
N LYS A 662 -33.25 -16.47 -8.96
CA LYS A 662 -34.39 -16.41 -8.04
C LYS A 662 -34.40 -17.63 -7.14
N ASN A 663 -34.07 -17.44 -5.87
CA ASN A 663 -34.25 -18.51 -4.90
C ASN A 663 -35.74 -18.77 -4.71
N ASP A 664 -36.08 -20.02 -4.39
CA ASP A 664 -37.48 -20.37 -4.21
C ASP A 664 -38.14 -19.59 -3.07
N LYS A 665 -37.33 -19.00 -2.17
CA LYS A 665 -37.88 -18.10 -1.16
C LYS A 665 -38.58 -16.91 -1.80
N GLY A 666 -38.01 -16.35 -2.86
CA GLY A 666 -38.66 -15.30 -3.62
C GLY A 666 -37.93 -13.98 -3.73
N LYS A 667 -36.60 -13.96 -3.58
CA LYS A 667 -35.82 -12.72 -3.69
C LYS A 667 -34.80 -12.88 -4.81
N LEU A 668 -34.80 -11.95 -5.75
CA LEU A 668 -33.84 -11.98 -6.84
C LEU A 668 -32.46 -11.57 -6.33
N VAL A 669 -31.51 -12.50 -6.35
CA VAL A 669 -30.19 -12.30 -5.76
C VAL A 669 -29.11 -12.61 -6.79
N LYS A 670 -27.97 -11.93 -6.66
CA LYS A 670 -26.84 -12.13 -7.55
C LYS A 670 -26.25 -13.53 -7.35
N ALA A 671 -25.43 -13.95 -8.32
CA ALA A 671 -24.90 -15.31 -8.33
C ALA A 671 -23.45 -15.30 -7.85
N ASP A 672 -22.83 -16.48 -7.76
CA ASP A 672 -21.47 -16.63 -7.30
C ASP A 672 -20.49 -15.97 -8.26
N LYS A 673 -19.36 -15.50 -7.70
CA LYS A 673 -18.34 -14.89 -8.54
C LYS A 673 -17.74 -15.91 -9.51
N LYS A 674 -17.78 -17.18 -9.15
CA LYS A 674 -17.37 -18.24 -10.08
C LYS A 674 -18.54 -18.82 -10.87
N GLU A 675 -19.78 -18.42 -10.55
CA GLU A 675 -20.91 -18.85 -11.37
C GLU A 675 -20.89 -18.15 -12.72
N VAL A 676 -20.14 -17.06 -12.84
CA VAL A 676 -20.04 -16.33 -14.09
C VAL A 676 -18.70 -16.53 -14.78
N ARG A 677 -17.68 -17.02 -14.09
CA ARG A 677 -16.37 -17.30 -14.66
C ARG A 677 -16.20 -18.81 -14.78
N THR A 678 -15.76 -19.27 -15.95
CA THR A 678 -15.29 -20.63 -16.08
C THR A 678 -13.85 -20.72 -15.59
N LYS A 679 -13.25 -21.91 -15.70
CA LYS A 679 -11.87 -22.07 -15.27
C LYS A 679 -10.93 -21.20 -16.10
N GLN A 680 -11.15 -21.13 -17.41
CA GLN A 680 -10.38 -20.25 -18.26
C GLN A 680 -10.75 -18.80 -17.98
N GLU A 681 -9.88 -17.88 -18.38
CA GLU A 681 -10.14 -16.45 -18.23
C GLU A 681 -11.10 -15.98 -19.32
N LYS A 682 -12.28 -16.59 -19.33
CA LYS A 682 -13.33 -16.27 -20.29
C LYS A 682 -14.65 -16.20 -19.54
N HIS A 683 -15.34 -15.07 -19.66
CA HIS A 683 -16.61 -14.89 -18.98
C HIS A 683 -17.71 -15.67 -19.71
N ILE A 684 -18.82 -15.91 -19.00
CA ILE A 684 -19.91 -16.70 -19.57
C ILE A 684 -20.51 -16.01 -20.78
N ASN A 685 -20.20 -14.73 -20.99
CA ASN A 685 -20.62 -14.06 -22.21
C ASN A 685 -19.71 -14.38 -23.38
N GLY A 686 -18.70 -15.23 -23.18
CA GLY A 686 -17.80 -15.60 -24.25
C GLY A 686 -16.65 -14.64 -24.50
N LEU A 687 -16.32 -13.80 -23.54
CA LEU A 687 -15.27 -12.81 -23.66
C LEU A 687 -14.22 -13.01 -22.59
N ASN A 688 -13.03 -12.48 -22.84
CA ASN A 688 -11.98 -12.49 -21.83
C ASN A 688 -12.45 -11.73 -20.61
N ALA A 689 -12.08 -12.22 -19.42
CA ALA A 689 -12.58 -11.63 -18.19
C ALA A 689 -12.17 -10.17 -18.06
N ASP A 690 -10.91 -9.87 -18.38
CA ASP A 690 -10.44 -8.49 -18.28
C ASP A 690 -11.07 -7.61 -19.33
N PHE A 691 -11.26 -8.13 -20.54
CA PHE A 691 -11.96 -7.35 -21.56
C PHE A 691 -13.38 -7.04 -21.13
N ASN A 692 -14.04 -8.01 -20.48
CA ASN A 692 -15.35 -7.76 -19.88
C ASN A 692 -15.28 -6.68 -18.82
N ALA A 693 -14.37 -6.84 -17.86
CA ALA A 693 -14.29 -5.91 -16.74
C ALA A 693 -13.95 -4.51 -17.21
N ALA A 694 -13.02 -4.39 -18.16
CA ALA A 694 -12.62 -3.08 -18.67
C ALA A 694 -13.78 -2.40 -19.41
N ASN A 695 -14.55 -3.17 -20.17
CA ASN A 695 -15.70 -2.60 -20.87
C ASN A 695 -16.76 -2.11 -19.89
N ASN A 696 -16.97 -2.85 -18.81
CA ASN A 696 -17.95 -2.43 -17.80
C ASN A 696 -17.54 -1.13 -17.14
N ILE A 697 -16.24 -0.99 -16.82
CA ILE A 697 -15.73 0.22 -16.20
C ILE A 697 -16.07 1.44 -17.05
N LYS A 698 -15.80 1.34 -18.35
CA LYS A 698 -16.00 2.47 -19.25
C LYS A 698 -17.47 2.86 -19.33
N TYR A 699 -18.37 1.87 -19.32
CA TYR A 699 -19.79 2.16 -19.49
C TYR A 699 -20.34 2.93 -18.29
N ILE A 700 -19.81 2.66 -17.10
CA ILE A 700 -20.25 3.38 -15.91
C ILE A 700 -19.81 4.83 -15.98
N VAL A 701 -18.93 5.18 -16.93
CA VAL A 701 -18.59 6.57 -17.16
C VAL A 701 -19.24 7.06 -18.43
N GLU A 702 -19.26 6.24 -19.47
CA GLU A 702 -19.86 6.65 -20.75
C GLU A 702 -21.36 6.92 -20.60
N ASN A 703 -22.05 6.09 -19.81
CA ASN A 703 -23.48 6.27 -19.59
C ASN A 703 -23.71 7.32 -18.51
N GLU A 704 -24.44 8.38 -18.87
CA GLU A 704 -24.58 9.52 -17.98
C GLU A 704 -25.40 9.16 -16.73
N VAL A 705 -26.42 8.32 -16.90
CA VAL A 705 -27.23 7.91 -15.75
C VAL A 705 -26.39 7.13 -14.76
N TRP A 706 -25.67 6.11 -15.25
CA TRP A 706 -24.77 5.36 -14.37
C TRP A 706 -23.64 6.24 -13.85
N ARG A 707 -23.23 7.24 -14.63
CA ARG A 707 -22.21 8.17 -14.19
C ARG A 707 -22.67 9.00 -13.00
N GLU A 708 -23.96 9.33 -12.94
CA GLU A 708 -24.48 10.06 -11.79
C GLU A 708 -24.81 9.15 -10.62
N ILE A 709 -25.14 7.89 -10.88
CA ILE A 709 -25.51 6.97 -9.81
C ILE A 709 -24.32 6.59 -8.95
N PHE A 710 -23.18 6.26 -9.57
CA PHE A 710 -22.02 5.78 -8.84
C PHE A 710 -20.85 6.74 -8.83
N CYS A 711 -20.70 7.60 -9.83
CA CYS A 711 -19.56 8.50 -9.91
C CYS A 711 -19.96 9.85 -9.32
N THR A 712 -19.45 10.14 -8.12
CA THR A 712 -19.75 11.38 -7.41
C THR A 712 -18.64 12.38 -7.71
N ARG A 713 -18.99 13.42 -8.46
CA ARG A 713 -18.01 14.41 -8.91
C ARG A 713 -17.49 15.25 -7.75
N PRO A 714 -16.17 15.33 -7.55
CA PRO A 714 -15.63 16.28 -6.56
C PRO A 714 -15.93 17.72 -6.95
N LYS A 715 -15.64 18.63 -6.01
CA LYS A 715 -16.03 20.03 -6.18
C LYS A 715 -15.29 20.67 -7.35
N LYS A 716 -13.97 20.77 -7.27
CA LYS A 716 -13.18 21.40 -8.31
C LYS A 716 -11.88 20.67 -8.51
N ALA A 717 -11.05 21.14 -9.44
CA ALA A 717 -9.73 20.54 -9.65
C ALA A 717 -8.90 20.67 -8.38
N GLU A 718 -8.27 19.57 -7.98
CA GLU A 718 -7.44 19.56 -6.80
C GLU A 718 -6.30 18.58 -7.01
N TYR A 719 -5.12 18.92 -6.49
CA TYR A 719 -3.98 18.03 -6.53
C TYR A 719 -4.30 16.70 -5.85
N ASN A 720 -3.85 15.61 -6.48
CA ASN A 720 -3.98 14.26 -5.91
C ASN A 720 -5.45 13.85 -5.74
N VAL A 721 -6.27 14.19 -6.72
CA VAL A 721 -7.70 13.89 -6.67
C VAL A 721 -8.21 13.61 -8.08
N PRO A 722 -8.95 12.52 -8.29
CA PRO A 722 -9.50 12.25 -9.61
C PRO A 722 -10.61 13.22 -9.98
N SER A 723 -10.77 13.43 -11.29
CA SER A 723 -11.87 14.27 -11.78
C SER A 723 -13.23 13.65 -11.50
N LEU A 724 -13.30 12.32 -11.41
CA LEU A 724 -14.52 11.63 -11.00
C LEU A 724 -14.14 10.60 -9.96
N ASP A 725 -15.00 10.47 -8.94
CA ASP A 725 -14.75 9.56 -7.84
C ASP A 725 -15.96 8.66 -7.69
N THR A 726 -15.75 7.53 -7.02
CA THR A 726 -16.84 6.61 -6.73
C THR A 726 -17.77 7.20 -5.68
N THR A 727 -19.02 6.76 -5.72
CA THR A 727 -19.96 7.12 -4.68
C THR A 727 -19.54 6.48 -3.36
N LYS A 728 -20.02 7.06 -2.26
CA LYS A 728 -19.73 6.53 -0.94
C LYS A 728 -20.76 5.49 -0.49
N LYS A 729 -21.71 5.15 -1.35
CA LYS A 729 -22.69 4.13 -1.03
C LYS A 729 -22.02 2.78 -0.85
N GLY A 730 -22.51 2.00 0.12
CA GLY A 730 -21.96 0.70 0.42
C GLY A 730 -22.35 -0.33 -0.62
N PRO A 731 -21.81 -1.54 -0.50
CA PRO A 731 -22.09 -2.57 -1.53
C PRO A 731 -23.56 -2.86 -1.71
N SER A 732 -24.34 -2.90 -0.63
CA SER A 732 -25.75 -3.26 -0.75
C SER A 732 -26.56 -2.11 -1.37
N ALA A 733 -26.14 -0.87 -1.11
CA ALA A 733 -26.79 0.27 -1.76
C ALA A 733 -26.58 0.21 -3.27
N ILE A 734 -25.37 -0.15 -3.70
CA ILE A 734 -25.07 -0.24 -5.12
C ILE A 734 -25.88 -1.37 -5.76
N LEU A 735 -26.08 -2.47 -5.04
CA LEU A 735 -26.88 -3.56 -5.57
C LEU A 735 -28.32 -3.12 -5.81
N HIS A 736 -28.91 -2.42 -4.84
CA HIS A 736 -30.31 -2.05 -4.97
C HIS A 736 -30.53 -0.99 -6.04
N MET A 737 -29.63 -0.01 -6.13
CA MET A 737 -29.82 1.07 -7.09
C MET A 737 -29.80 0.53 -8.52
N LEU A 738 -28.90 -0.40 -8.81
CA LEU A 738 -28.90 -1.05 -10.12
C LEU A 738 -30.21 -1.80 -10.34
N LYS A 739 -30.72 -2.45 -9.29
CA LYS A 739 -32.02 -3.11 -9.37
C LYS A 739 -33.14 -2.08 -9.61
N LYS A 740 -33.00 -0.89 -9.04
CA LYS A 740 -34.04 0.12 -9.16
C LYS A 740 -34.07 0.74 -10.56
N ILE A 741 -32.98 0.57 -11.32
CA ILE A 741 -32.95 1.05 -12.70
C ILE A 741 -33.10 -0.09 -13.71
N GLU A 742 -33.45 -1.30 -13.23
CA GLU A 742 -33.62 -2.48 -14.09
C GLU A 742 -32.32 -2.91 -14.76
N ALA A 743 -31.21 -2.91 -14.01
CA ALA A 743 -29.96 -3.52 -14.46
C ALA A 743 -29.94 -4.98 -13.99
N ILE A 744 -30.98 -5.70 -14.43
CA ILE A 744 -31.29 -7.02 -13.89
C ILE A 744 -31.39 -8.01 -15.04
N LYS A 745 -30.82 -9.19 -14.83
CA LYS A 745 -30.99 -10.32 -15.73
C LYS A 745 -31.27 -11.56 -14.90
N ILE A 746 -32.31 -12.31 -15.27
CA ILE A 746 -32.62 -13.56 -14.61
C ILE A 746 -31.61 -14.61 -15.07
N LEU A 747 -30.97 -15.28 -14.11
CA LEU A 747 -29.99 -16.31 -14.44
C LEU A 747 -30.70 -17.65 -14.56
N GLU A 748 -30.85 -18.13 -15.79
CA GLU A 748 -31.50 -19.41 -16.06
C GLU A 748 -30.49 -20.54 -15.82
N THR A 749 -30.44 -21.00 -14.57
CA THR A 749 -29.55 -22.08 -14.17
C THR A 749 -29.93 -23.39 -14.84
MG MG C . 21.00 10.18 -14.87
MG MG D . 19.23 1.32 -9.84
#